data_4QJ3
#
_entry.id   4QJ3
#
_cell.length_a   200.623
_cell.length_b   88.761
_cell.length_c   92.232
_cell.angle_alpha   90.00
_cell.angle_beta   101.39
_cell.angle_gamma   90.00
#
_symmetry.space_group_name_H-M   'C 1 2 1'
#
loop_
_entity.id
_entity.type
_entity.pdbx_description
1 polymer 'Guanine nucleotide-binding protein G(q) subunit alpha'
2 polymer '1-phosphatidylinositol 4,5-bisphosphate phosphodiesterase beta-3'
3 non-polymer "GUANOSINE-5'-DIPHOSPHATE"
4 non-polymer 'TETRAFLUOROALUMINATE ION'
5 non-polymer 'MAGNESIUM ION'
6 non-polymer 'CALCIUM ION'
7 water water
#
loop_
_entity_poly.entity_id
_entity_poly.type
_entity_poly.pdbx_seq_one_letter_code
_entity_poly.pdbx_strand_id
1 'polypeptide(L)'
;MSYYHHHHHHDYDIPTTENLYFQGAAMACCLSEEAKEARRINDEIERQLRRDKRDARRELKLLLLGTGESGKSTFIKQMR
IIHGSGYSDEDKRGFTKLVYQNIFTAMQAMIRAMDTLKIPYKYEHNKAHAQLVREVDVEKVSAFENPYVDAIKSLWNDPG
IQECYDRRREYQLSDSTKYYLNDLDRVADPSYLPTQQDVLRVRVPTTGIIEYPFDLQSVIFRMVDVGGQRSERRKWIHCF
ENVTSIMFLVALSEYDQVLVESDNENRMEESKALFRTIITYPWFQNSSVILFLNKKDLLEEKIMYSHLVDYFPEYDGPQR
DAQAAREFILKMFVDLNPDSDKIIYSHFTCATDTENIRFVFAAVKDTILQLNLKEYNLV
;
A
2 'polypeptide(L)'
;MAHHHHHHGTALQLEPPTVVETLRRGSKFIKWDEETSSRNLVTLRVDPNGFFLYWTGPNMEVDTLDISSIRDTRTGRYAR
LPKDPKIREVLGFGGPDARLEEKLMTVVSGPDPVNTVFLNFMAVQDDTAKVWSEELFKLAMNILAQNASRNTFLRKAYTK
LKLQVNQDGRIPVKNILKMFSADKKRVETALESCGLKFNRSESIRPDEFSLEIFERFLNKLCLRPDIDKILLEIGAKGKP
YLTLEQLMDFINQKQRDPRLNEVLYPPLRPSQARLLIEKYEPNQQFLERDQMSMEGFSRYLGGEENGILPLEALDLSTDM
TQPLSAYFINSSHNTYLTAGQLAGTSSVEMYRQALLWGCRCVELDVWKGRPPEEEPFITHGFTMTTEVPLRDVLEAIAET
AFKTSPYPVILSFENHVDSAKQQAKMAEYCRSIFGDALLIEPLDKYPLAPGVPLPSPQDLMGRILVKNKKRPKKPTTDEG
TASSEVNATEEMSTLVNYIEPVKFKSFEAARKRNKCFEMSSFVETKAMEQLTKSPMEFVEYNKQQLSRIYPKGTRVDSSN
YMPQLFWNVGCQLVALNFQTLDVAMQLNAGVFEYNGRSGYLLKPEFMRRPDKSFDPFTEVIVDGIVANALRVKVISGQFL
SDRKVGIYVEVDMFGLPVDTRRKYRTRTSQGNSFNPVWDEEPFDFPKVVLPTLASLRIAAFEEGGKFVGHRILPVSAIRS
GYHYVCLRNEANQPLCLPALLIYTEASDYIPDDHQDYAEALINPIKHVSLMDQRARQLAALIGESEAQAGQET
;
B
#
loop_
_chem_comp.id
_chem_comp.type
_chem_comp.name
_chem_comp.formula
ALF non-polymer 'TETRAFLUOROALUMINATE ION' 'Al F4 -1'
CA non-polymer 'CALCIUM ION' 'Ca 2'
GDP RNA linking GUANOSINE-5'-DIPHOSPHATE 'C10 H15 N5 O11 P2'
MG non-polymer 'MAGNESIUM ION' 'Mg 2'
#
# COMPACT_ATOMS: atom_id res chain seq x y z
N ARG A 57 -28.37 25.18 -4.98
CA ARG A 57 -29.13 24.60 -6.14
C ARG A 57 -29.45 23.12 -5.90
N ARG A 58 -30.51 22.65 -6.55
CA ARG A 58 -30.97 21.26 -6.45
C ARG A 58 -29.86 20.26 -6.82
N GLU A 59 -29.71 19.21 -6.02
CA GLU A 59 -28.76 18.15 -6.30
C GLU A 59 -29.45 16.78 -6.24
N LEU A 60 -29.32 16.00 -7.31
CA LEU A 60 -29.97 14.70 -7.43
C LEU A 60 -28.93 13.60 -7.63
N LYS A 61 -29.13 12.48 -6.93
CA LYS A 61 -28.16 11.39 -6.89
C LYS A 61 -28.63 10.21 -7.73
N LEU A 62 -27.87 9.89 -8.79
CA LEU A 62 -28.17 8.75 -9.64
C LEU A 62 -27.11 7.67 -9.46
N LEU A 63 -27.52 6.41 -9.54
CA LEU A 63 -26.59 5.29 -9.47
C LEU A 63 -26.42 4.66 -10.85
N LEU A 64 -25.17 4.44 -11.25
CA LEU A 64 -24.88 3.62 -12.41
C LEU A 64 -24.58 2.21 -11.90
N LEU A 65 -25.56 1.32 -12.03
CA LEU A 65 -25.41 -0.07 -11.60
C LEU A 65 -25.48 -1.00 -12.80
N GLY A 66 -24.87 -2.17 -12.64
CA GLY A 66 -24.85 -3.19 -13.68
C GLY A 66 -23.79 -4.21 -13.36
N THR A 67 -23.87 -5.36 -14.01
CA THR A 67 -22.86 -6.39 -13.87
C THR A 67 -21.58 -5.95 -14.59
N GLY A 68 -20.47 -6.61 -14.27
CA GLY A 68 -19.16 -6.24 -14.83
C GLY A 68 -19.14 -6.09 -16.34
N GLU A 69 -18.47 -5.04 -16.81
CA GLU A 69 -18.24 -4.79 -18.24
C GLU A 69 -19.49 -4.39 -19.02
N SER A 70 -20.51 -3.86 -18.32
CA SER A 70 -21.76 -3.49 -18.95
C SER A 70 -21.68 -2.12 -19.63
N GLY A 71 -20.75 -1.28 -19.16
CA GLY A 71 -20.51 0.04 -19.75
C GLY A 71 -20.66 1.23 -18.80
N LYS A 72 -20.79 0.95 -17.50
CA LYS A 72 -21.06 2.00 -16.51
C LYS A 72 -20.05 3.14 -16.59
N SER A 73 -18.76 2.79 -16.59
CA SER A 73 -17.69 3.77 -16.61
C SER A 73 -17.62 4.50 -17.95
N THR A 74 -17.95 3.81 -19.04
CA THR A 74 -17.98 4.42 -20.35
C THR A 74 -19.06 5.50 -20.44
N PHE A 75 -20.18 5.28 -19.76
CA PHE A 75 -21.26 6.27 -19.67
C PHE A 75 -20.79 7.54 -18.94
N ILE A 76 -20.04 7.34 -17.86
CA ILE A 76 -19.47 8.45 -17.08
C ILE A 76 -18.60 9.35 -17.96
N LYS A 77 -17.80 8.72 -18.83
CA LYS A 77 -16.91 9.48 -19.73
C LYS A 77 -17.70 10.31 -20.73
N GLN A 78 -18.84 9.79 -21.19
CA GLN A 78 -19.72 10.53 -22.08
C GLN A 78 -20.36 11.72 -21.36
N MET A 79 -20.69 11.52 -20.09
CA MET A 79 -21.17 12.61 -19.25
C MET A 79 -20.10 13.70 -19.11
N ARG A 80 -18.85 13.30 -18.98
CA ARG A 80 -17.73 14.24 -18.90
C ARG A 80 -17.50 14.95 -20.23
N ILE A 81 -17.64 14.24 -21.34
CA ILE A 81 -17.52 14.82 -22.68
C ILE A 81 -18.65 15.81 -22.96
N ILE A 82 -19.87 15.43 -22.62
CA ILE A 82 -21.07 16.19 -22.98
C ILE A 82 -21.37 17.30 -21.98
N HIS A 83 -21.43 16.96 -20.70
CA HIS A 83 -21.80 17.90 -19.64
C HIS A 83 -20.63 18.38 -18.79
N GLY A 84 -19.61 17.55 -18.63
CA GLY A 84 -18.44 17.89 -17.82
C GLY A 84 -17.39 18.69 -18.57
N SER A 85 -16.14 18.51 -18.16
CA SER A 85 -15.01 19.30 -18.68
C SER A 85 -14.37 18.75 -19.96
N GLY A 86 -14.75 17.55 -20.37
CA GLY A 86 -14.20 16.94 -21.58
C GLY A 86 -12.73 16.59 -21.44
N TYR A 87 -12.14 16.10 -22.54
CA TYR A 87 -10.74 15.65 -22.53
C TYR A 87 -9.84 16.55 -23.37
N SER A 88 -8.95 17.26 -22.68
CA SER A 88 -7.92 18.06 -23.35
C SER A 88 -6.85 17.14 -23.93
N ASP A 89 -5.93 17.69 -24.70
CA ASP A 89 -4.80 16.91 -25.22
C ASP A 89 -3.95 16.34 -24.08
N GLU A 90 -3.84 17.09 -22.98
CA GLU A 90 -3.10 16.64 -21.81
C GLU A 90 -3.73 15.39 -21.21
N ASP A 91 -5.05 15.43 -21.02
CA ASP A 91 -5.78 14.30 -20.44
C ASP A 91 -5.64 13.05 -21.31
N LYS A 92 -5.68 13.24 -22.62
CA LYS A 92 -5.57 12.13 -23.59
C LYS A 92 -4.23 11.41 -23.53
N ARG A 93 -3.15 12.14 -23.26
CA ARG A 93 -1.83 11.52 -23.10
C ARG A 93 -1.82 10.57 -21.89
N GLY A 94 -2.63 10.88 -20.88
CA GLY A 94 -2.78 10.02 -19.71
C GLY A 94 -3.28 8.62 -20.04
N PHE A 95 -3.96 8.47 -21.16
CA PHE A 95 -4.51 7.17 -21.58
C PHE A 95 -3.61 6.38 -22.52
N THR A 96 -2.55 7.00 -23.04
CA THR A 96 -1.64 6.33 -23.98
C THR A 96 -1.14 5.01 -23.40
N LYS A 97 -0.66 5.05 -22.17
CA LYS A 97 -0.18 3.85 -21.47
C LYS A 97 -1.28 2.79 -21.34
N LEU A 98 -2.49 3.22 -21.01
CA LEU A 98 -3.62 2.29 -20.84
C LEU A 98 -4.00 1.60 -22.16
N VAL A 99 -3.87 2.32 -23.27
CA VAL A 99 -4.15 1.74 -24.60
C VAL A 99 -3.10 0.68 -24.94
N TYR A 100 -1.84 0.99 -24.71
CA TYR A 100 -0.77 0.03 -24.93
C TYR A 100 -1.04 -1.26 -24.13
N GLN A 101 -1.38 -1.09 -22.86
CA GLN A 101 -1.64 -2.23 -21.97
C GLN A 101 -2.84 -3.07 -22.40
N ASN A 102 -3.90 -2.41 -22.87
CA ASN A 102 -5.11 -3.10 -23.36
C ASN A 102 -4.78 -4.06 -24.50
N ILE A 103 -3.86 -3.62 -25.38
CA ILE A 103 -3.43 -4.40 -26.54
C ILE A 103 -2.63 -5.62 -26.09
N PHE A 104 -1.66 -5.41 -25.19
CA PHE A 104 -0.87 -6.51 -24.63
C PHE A 104 -1.74 -7.51 -23.88
N THR A 105 -2.70 -7.01 -23.11
CA THR A 105 -3.64 -7.87 -22.39
C THR A 105 -4.44 -8.74 -23.35
N ALA A 106 -4.98 -8.11 -24.39
CA ALA A 106 -5.83 -8.79 -25.35
C ALA A 106 -5.09 -9.90 -26.11
N MET A 107 -3.89 -9.59 -26.58
CA MET A 107 -3.10 -10.56 -27.32
C MET A 107 -2.63 -11.69 -26.42
N GLN A 108 -2.29 -11.38 -25.17
CA GLN A 108 -1.94 -12.40 -24.18
C GLN A 108 -3.10 -13.36 -23.92
N ALA A 109 -4.31 -12.82 -23.87
CA ALA A 109 -5.52 -13.61 -23.69
C ALA A 109 -5.74 -14.56 -24.87
N MET A 110 -5.45 -14.09 -26.08
CA MET A 110 -5.59 -14.89 -27.29
C MET A 110 -4.48 -15.92 -27.43
N ILE A 111 -3.27 -15.56 -27.02
CA ILE A 111 -2.14 -16.49 -27.03
C ILE A 111 -2.40 -17.66 -26.09
N ARG A 112 -2.99 -17.38 -24.93
CA ARG A 112 -3.34 -18.43 -23.97
C ARG A 112 -4.48 -19.32 -24.48
N ALA A 113 -5.39 -18.71 -25.24
CA ALA A 113 -6.54 -19.42 -25.79
C ALA A 113 -6.15 -20.37 -26.93
N MET A 114 -5.01 -20.14 -27.57
CA MET A 114 -4.49 -21.06 -28.57
C MET A 114 -4.16 -22.41 -27.93
N ASP A 115 -3.63 -22.37 -26.71
CA ASP A 115 -3.31 -23.58 -25.95
C ASP A 115 -4.59 -24.22 -25.41
N THR A 116 -5.40 -23.42 -24.73
CA THR A 116 -6.63 -23.90 -24.09
C THR A 116 -7.53 -24.63 -25.08
N LEU A 117 -7.75 -24.01 -26.24
CA LEU A 117 -8.67 -24.53 -27.24
C LEU A 117 -7.99 -25.38 -28.33
N LYS A 118 -6.67 -25.55 -28.21
CA LYS A 118 -5.88 -26.37 -29.13
C LYS A 118 -6.04 -25.90 -30.58
N ILE A 119 -5.70 -24.64 -30.82
CA ILE A 119 -5.70 -24.06 -32.16
C ILE A 119 -4.24 -23.87 -32.58
N PRO A 120 -3.85 -24.44 -33.73
CA PRO A 120 -2.48 -24.28 -34.19
C PRO A 120 -2.26 -22.93 -34.86
N TYR A 121 -1.05 -22.39 -34.70
CA TYR A 121 -0.64 -21.18 -35.40
C TYR A 121 -0.43 -21.56 -36.86
N LYS A 122 -1.04 -20.78 -37.76
CA LYS A 122 -0.94 -21.04 -39.20
C LYS A 122 0.51 -20.96 -39.65
N TYR A 123 1.17 -19.85 -39.33
CA TYR A 123 2.54 -19.59 -39.75
C TYR A 123 3.52 -19.88 -38.61
N GLU A 124 4.59 -20.61 -38.92
CA GLU A 124 5.53 -21.12 -37.94
C GLU A 124 6.22 -20.02 -37.13
N HIS A 125 6.58 -18.93 -37.79
CA HIS A 125 7.35 -17.85 -37.17
C HIS A 125 6.61 -17.08 -36.07
N ASN A 126 5.29 -17.27 -35.99
CA ASN A 126 4.48 -16.63 -34.94
C ASN A 126 4.59 -17.30 -33.58
N LYS A 127 5.06 -18.54 -33.53
CA LYS A 127 5.31 -19.22 -32.26
C LYS A 127 6.33 -18.45 -31.42
N ALA A 128 7.40 -18.02 -32.08
CA ALA A 128 8.43 -17.19 -31.43
C ALA A 128 7.87 -15.84 -30.99
N HIS A 129 7.01 -15.24 -31.83
CA HIS A 129 6.33 -13.99 -31.47
C HIS A 129 5.39 -14.19 -30.28
N ALA A 130 4.65 -15.29 -30.29
CA ALA A 130 3.75 -15.61 -29.19
C ALA A 130 4.51 -15.70 -27.87
N GLN A 131 5.66 -16.35 -27.90
CA GLN A 131 6.49 -16.53 -26.71
C GLN A 131 7.09 -15.21 -26.22
N LEU A 132 7.38 -14.31 -27.14
CA LEU A 132 7.88 -12.97 -26.81
C LEU A 132 6.83 -12.16 -26.06
N VAL A 133 5.61 -12.16 -26.60
CA VAL A 133 4.53 -11.33 -26.08
C VAL A 133 3.96 -11.89 -24.78
N ARG A 134 3.87 -13.21 -24.67
CA ARG A 134 3.30 -13.83 -23.46
C ARG A 134 4.12 -13.54 -22.21
N GLU A 135 5.44 -13.40 -22.38
CA GLU A 135 6.36 -13.15 -21.26
C GLU A 135 6.27 -11.73 -20.69
N VAL A 136 5.68 -10.81 -21.44
CA VAL A 136 5.57 -9.42 -21.00
C VAL A 136 4.68 -9.32 -19.76
N ASP A 137 5.08 -8.44 -18.83
CA ASP A 137 4.26 -8.09 -17.68
C ASP A 137 3.54 -6.79 -18.00
N VAL A 138 2.22 -6.87 -18.20
CA VAL A 138 1.44 -5.74 -18.70
C VAL A 138 1.50 -4.52 -17.77
N GLU A 139 1.60 -4.75 -16.47
CA GLU A 139 1.66 -3.66 -15.49
C GLU A 139 2.83 -2.69 -15.70
N LYS A 140 3.96 -3.20 -16.21
CA LYS A 140 5.16 -2.39 -16.41
C LYS A 140 5.31 -1.84 -17.83
N VAL A 141 4.30 -2.06 -18.67
CA VAL A 141 4.29 -1.51 -20.04
C VAL A 141 4.01 -0.02 -20.00
N SER A 142 4.93 0.77 -20.56
CA SER A 142 4.71 2.20 -20.75
C SER A 142 5.07 2.68 -22.17
N ALA A 143 5.31 1.74 -23.08
CA ALA A 143 5.67 2.09 -24.46
C ALA A 143 5.39 0.93 -25.40
N PHE A 144 5.21 1.25 -26.68
CA PHE A 144 4.83 0.28 -27.70
C PHE A 144 5.77 0.37 -28.89
N GLU A 145 6.90 -0.32 -28.76
CA GLU A 145 7.99 -0.27 -29.73
C GLU A 145 8.29 -1.66 -30.24
N ASN A 146 9.22 -1.77 -31.18
CA ASN A 146 9.67 -3.08 -31.65
C ASN A 146 10.59 -3.73 -30.63
N PRO A 147 10.63 -5.07 -30.60
CA PRO A 147 9.98 -6.00 -31.53
C PRO A 147 8.50 -6.30 -31.25
N TYR A 148 7.90 -5.64 -30.26
CA TYR A 148 6.54 -5.98 -29.82
C TYR A 148 5.44 -5.54 -30.78
N VAL A 149 5.67 -4.43 -31.48
CA VAL A 149 4.71 -3.93 -32.47
C VAL A 149 4.58 -4.92 -33.63
N ASP A 150 5.72 -5.29 -34.22
CA ASP A 150 5.73 -6.26 -35.31
C ASP A 150 5.25 -7.64 -34.85
N ALA A 151 5.58 -8.01 -33.61
CA ALA A 151 5.14 -9.28 -33.05
C ALA A 151 3.63 -9.37 -32.97
N ILE A 152 3.00 -8.33 -32.45
CA ILE A 152 1.55 -8.28 -32.31
C ILE A 152 0.83 -8.14 -33.65
N LYS A 153 1.41 -7.35 -34.56
CA LYS A 153 0.87 -7.22 -35.92
C LYS A 153 0.91 -8.55 -36.67
N SER A 154 2.03 -9.25 -36.55
CA SER A 154 2.19 -10.56 -37.18
C SER A 154 1.22 -11.60 -36.61
N LEU A 155 1.02 -11.56 -35.30
CA LEU A 155 0.09 -12.48 -34.62
C LEU A 155 -1.36 -12.21 -35.02
N TRP A 156 -1.76 -10.94 -35.00
CA TRP A 156 -3.12 -10.55 -35.39
C TRP A 156 -3.45 -10.96 -36.82
N ASN A 157 -2.43 -11.04 -37.67
CA ASN A 157 -2.58 -11.41 -39.07
C ASN A 157 -2.68 -12.93 -39.29
N ASP A 158 -2.29 -13.70 -38.28
CA ASP A 158 -2.27 -15.16 -38.35
C ASP A 158 -3.71 -15.70 -38.38
N PRO A 159 -4.04 -16.51 -39.40
CA PRO A 159 -5.37 -17.15 -39.48
C PRO A 159 -5.78 -17.96 -38.24
N GLY A 160 -4.81 -18.56 -37.56
CA GLY A 160 -5.05 -19.29 -36.32
C GLY A 160 -5.53 -18.38 -35.20
N ILE A 161 -4.86 -17.23 -35.05
CA ILE A 161 -5.28 -16.21 -34.10
C ILE A 161 -6.65 -15.63 -34.47
N GLN A 162 -6.91 -15.46 -35.77
CA GLN A 162 -8.22 -15.01 -36.22
C GLN A 162 -9.32 -16.02 -35.89
N GLU A 163 -9.03 -17.31 -36.04
CA GLU A 163 -9.99 -18.34 -35.67
C GLU A 163 -10.21 -18.34 -34.16
N CYS A 164 -9.13 -18.10 -33.42
CA CYS A 164 -9.19 -17.99 -31.97
C CYS A 164 -10.00 -16.77 -31.54
N TYR A 165 -9.88 -15.67 -32.29
CA TYR A 165 -10.70 -14.48 -32.04
C TYR A 165 -12.17 -14.77 -32.31
N ASP A 166 -12.45 -15.52 -33.37
CA ASP A 166 -13.84 -15.88 -33.71
C ASP A 166 -14.49 -16.63 -32.54
N ARG A 167 -13.70 -17.43 -31.84
CA ARG A 167 -14.18 -18.20 -30.69
C ARG A 167 -13.86 -17.51 -29.35
N ARG A 168 -13.82 -16.17 -29.35
CA ARG A 168 -13.60 -15.39 -28.13
C ARG A 168 -14.70 -15.56 -27.10
N ARG A 169 -15.87 -15.98 -27.56
CA ARG A 169 -16.98 -16.33 -26.69
C ARG A 169 -16.58 -17.35 -25.60
N GLU A 170 -15.69 -18.28 -25.95
CA GLU A 170 -15.30 -19.38 -25.06
C GLU A 170 -14.24 -19.01 -24.00
N TYR A 171 -13.88 -17.74 -23.92
CA TYR A 171 -12.95 -17.24 -22.89
C TYR A 171 -13.14 -15.74 -22.70
N GLN A 172 -12.40 -15.13 -21.80
CA GLN A 172 -12.57 -13.70 -21.51
C GLN A 172 -11.62 -12.84 -22.37
N LEU A 173 -12.22 -12.03 -23.23
CA LEU A 173 -11.50 -11.11 -24.12
C LEU A 173 -12.27 -9.80 -24.17
N SER A 174 -11.59 -8.68 -23.97
CA SER A 174 -12.26 -7.37 -23.96
C SER A 174 -12.83 -7.03 -25.34
N ASP A 175 -13.91 -6.25 -25.34
CA ASP A 175 -14.67 -5.97 -26.57
C ASP A 175 -14.06 -4.87 -27.45
N SER A 176 -13.04 -4.18 -26.97
CA SER A 176 -12.33 -3.18 -27.78
C SER A 176 -11.08 -3.75 -28.46
N THR A 177 -10.97 -5.08 -28.52
CA THR A 177 -9.78 -5.74 -29.06
C THR A 177 -9.62 -5.48 -30.55
N LYS A 178 -10.65 -5.81 -31.32
CA LYS A 178 -10.62 -5.55 -32.77
C LYS A 178 -10.40 -4.08 -33.06
N TYR A 179 -11.08 -3.22 -32.32
CA TYR A 179 -10.95 -1.78 -32.49
C TYR A 179 -9.50 -1.32 -32.45
N TYR A 180 -8.76 -1.82 -31.47
CA TYR A 180 -7.36 -1.44 -31.29
C TYR A 180 -6.41 -2.19 -32.24
N LEU A 181 -6.60 -3.50 -32.35
CA LEU A 181 -5.69 -4.34 -33.14
C LEU A 181 -5.74 -4.07 -34.65
N ASN A 182 -6.89 -3.64 -35.16
CA ASN A 182 -6.98 -3.18 -36.55
C ASN A 182 -6.33 -1.82 -36.75
N ASP A 183 -6.13 -1.10 -35.67
CA ASP A 183 -5.58 0.25 -35.70
C ASP A 183 -4.19 0.31 -35.04
N LEU A 184 -3.39 -0.75 -35.20
CA LEU A 184 -2.06 -0.82 -34.60
C LEU A 184 -1.10 0.23 -35.16
N ASP A 185 -1.09 0.39 -36.48
CA ASP A 185 -0.24 1.38 -37.13
C ASP A 185 -0.37 2.76 -36.48
N ARG A 186 -1.61 3.18 -36.25
CA ARG A 186 -1.89 4.47 -35.64
C ARG A 186 -1.39 4.55 -34.19
N VAL A 187 -1.58 3.47 -33.44
CA VAL A 187 -1.16 3.42 -32.04
C VAL A 187 0.36 3.29 -31.92
N ALA A 188 0.95 2.43 -32.75
CA ALA A 188 2.40 2.20 -32.75
C ALA A 188 3.20 3.46 -33.09
N ASP A 189 2.57 4.40 -33.79
CA ASP A 189 3.19 5.68 -34.14
C ASP A 189 3.91 6.30 -32.92
N PRO A 190 5.16 6.76 -33.12
CA PRO A 190 5.91 7.35 -31.99
C PRO A 190 5.36 8.68 -31.49
N SER A 191 4.62 9.41 -32.34
CA SER A 191 3.96 10.65 -31.94
C SER A 191 2.44 10.46 -31.75
N TYR A 192 2.04 9.25 -31.38
CA TYR A 192 0.62 8.89 -31.22
C TYR A 192 -0.03 9.64 -30.06
N LEU A 193 -1.18 10.25 -30.33
CA LEU A 193 -2.03 10.84 -29.30
C LEU A 193 -3.40 10.19 -29.41
N PRO A 194 -3.88 9.54 -28.33
CA PRO A 194 -5.20 8.92 -28.36
C PRO A 194 -6.31 9.88 -28.75
N THR A 195 -7.20 9.43 -29.64
CA THR A 195 -8.41 10.18 -29.99
C THR A 195 -9.42 10.02 -28.86
N GLN A 196 -10.52 10.74 -28.94
CA GLN A 196 -11.55 10.65 -27.91
C GLN A 196 -12.23 9.29 -27.93
N GLN A 197 -12.41 8.72 -29.12
CA GLN A 197 -12.96 7.37 -29.25
C GLN A 197 -12.01 6.35 -28.61
N ASP A 198 -10.71 6.52 -28.82
CA ASP A 198 -9.70 5.67 -28.19
C ASP A 198 -9.88 5.64 -26.67
N VAL A 199 -10.15 6.81 -26.08
CA VAL A 199 -10.35 6.94 -24.65
C VAL A 199 -11.65 6.25 -24.20
N LEU A 200 -12.70 6.37 -25.01
CA LEU A 200 -13.97 5.70 -24.72
C LEU A 200 -13.87 4.18 -24.84
N ARG A 201 -13.02 3.70 -25.75
CA ARG A 201 -12.84 2.26 -25.96
C ARG A 201 -11.98 1.59 -24.89
N VAL A 202 -11.13 2.35 -24.20
CA VAL A 202 -10.19 1.78 -23.25
C VAL A 202 -10.92 1.03 -22.13
N ARG A 203 -10.27 -0.02 -21.60
CA ARG A 203 -10.86 -0.85 -20.57
C ARG A 203 -10.06 -0.75 -19.26
N VAL A 204 -10.69 -0.17 -18.24
CA VAL A 204 -10.09 -0.03 -16.91
C VAL A 204 -11.10 -0.49 -15.85
N PRO A 205 -10.85 -1.66 -15.23
CA PRO A 205 -11.82 -2.20 -14.28
C PRO A 205 -12.08 -1.28 -13.08
N THR A 206 -13.34 -0.96 -12.85
CA THR A 206 -13.73 -0.12 -11.74
C THR A 206 -13.82 -0.94 -10.45
N THR A 207 -13.35 -0.35 -9.36
CA THR A 207 -13.48 -0.98 -8.04
C THR A 207 -13.90 0.06 -7.01
N GLY A 208 -14.80 -0.34 -6.11
CA GLY A 208 -15.28 0.54 -5.07
C GLY A 208 -16.42 1.43 -5.53
N ILE A 209 -16.41 2.68 -5.06
CA ILE A 209 -17.51 3.62 -5.24
C ILE A 209 -16.96 5.02 -5.47
N ILE A 210 -17.21 5.56 -6.67
CA ILE A 210 -16.73 6.90 -7.04
C ILE A 210 -17.92 7.77 -7.47
N GLU A 211 -18.09 8.90 -6.81
CA GLU A 211 -19.15 9.85 -7.14
C GLU A 211 -18.62 10.96 -8.04
N TYR A 212 -19.28 11.17 -9.17
CA TYR A 212 -18.92 12.23 -10.12
C TYR A 212 -20.03 13.26 -10.20
N PRO A 213 -19.75 14.51 -9.78
CA PRO A 213 -20.77 15.55 -9.89
C PRO A 213 -20.72 16.22 -11.26
N PHE A 214 -21.88 16.42 -11.88
CA PHE A 214 -21.97 17.08 -13.18
C PHE A 214 -22.94 18.24 -13.14
N ASP A 215 -22.48 19.41 -13.60
CA ASP A 215 -23.26 20.63 -13.55
C ASP A 215 -24.04 20.84 -14.85
N LEU A 216 -25.30 20.40 -14.84
CA LEU A 216 -26.24 20.72 -15.91
C LEU A 216 -26.90 22.05 -15.55
N GLN A 217 -27.68 22.61 -16.47
CA GLN A 217 -28.24 23.95 -16.25
C GLN A 217 -29.14 24.03 -15.02
N SER A 218 -30.23 23.26 -15.04
CA SER A 218 -31.25 23.34 -14.00
C SER A 218 -30.92 22.54 -12.72
N VAL A 219 -29.99 21.60 -12.81
CA VAL A 219 -29.68 20.71 -11.68
C VAL A 219 -28.25 20.20 -11.73
N ILE A 220 -27.72 19.80 -10.57
CA ILE A 220 -26.45 19.10 -10.48
C ILE A 220 -26.72 17.61 -10.26
N PHE A 221 -26.24 16.77 -11.18
CA PHE A 221 -26.34 15.32 -11.03
C PHE A 221 -25.08 14.74 -10.41
N ARG A 222 -25.21 14.16 -9.21
CA ARG A 222 -24.12 13.43 -8.57
C ARG A 222 -24.26 11.96 -8.93
N MET A 223 -23.51 11.52 -9.93
CA MET A 223 -23.62 10.16 -10.44
C MET A 223 -22.56 9.28 -9.80
N VAL A 224 -22.98 8.10 -9.32
CA VAL A 224 -22.10 7.19 -8.60
C VAL A 224 -21.74 5.99 -9.46
N ASP A 225 -20.46 5.90 -9.83
CA ASP A 225 -19.95 4.74 -10.57
C ASP A 225 -19.53 3.66 -9.58
N VAL A 226 -19.86 2.41 -9.90
CA VAL A 226 -19.50 1.27 -9.04
C VAL A 226 -18.96 0.11 -9.87
N GLY A 227 -18.32 -0.84 -9.19
CA GLY A 227 -17.83 -2.06 -9.83
C GLY A 227 -18.95 -3.07 -9.98
N GLY A 228 -18.97 -3.77 -11.11
CA GLY A 228 -20.05 -4.71 -11.44
C GLY A 228 -19.86 -6.14 -10.98
N GLN A 229 -18.62 -6.52 -10.66
CA GLN A 229 -18.31 -7.90 -10.31
C GLN A 229 -18.94 -8.27 -8.99
N ARG A 230 -19.15 -9.57 -8.77
CA ARG A 230 -19.89 -10.06 -7.60
C ARG A 230 -19.36 -9.52 -6.27
N SER A 231 -18.05 -9.59 -6.06
CA SER A 231 -17.43 -9.06 -4.85
C SER A 231 -17.71 -7.57 -4.65
N GLU A 232 -17.77 -6.82 -5.76
CA GLU A 232 -18.05 -5.38 -5.72
C GLU A 232 -19.45 -5.05 -5.22
N ARG A 233 -20.41 -5.94 -5.48
CA ARG A 233 -21.81 -5.68 -5.18
C ARG A 233 -22.11 -5.74 -3.67
N ARG A 234 -21.18 -6.27 -2.89
CA ARG A 234 -21.25 -6.20 -1.42
C ARG A 234 -21.06 -4.77 -0.94
N LYS A 235 -20.30 -3.98 -1.70
CA LYS A 235 -19.99 -2.58 -1.34
C LYS A 235 -21.14 -1.64 -1.68
N TRP A 236 -21.97 -2.04 -2.65
CA TRP A 236 -23.05 -1.20 -3.19
C TRP A 236 -23.98 -0.56 -2.15
N ILE A 237 -24.21 -1.26 -1.04
CA ILE A 237 -25.10 -0.76 0.02
C ILE A 237 -24.63 0.59 0.59
N HIS A 238 -23.34 0.87 0.47
CA HIS A 238 -22.77 2.12 0.97
C HIS A 238 -22.97 3.32 0.04
N CYS A 239 -23.81 3.19 -0.99
CA CYS A 239 -24.21 4.31 -1.84
C CYS A 239 -25.73 4.36 -2.07
N PHE A 240 -26.49 3.73 -1.18
CA PHE A 240 -27.94 3.57 -1.35
C PHE A 240 -28.79 4.66 -0.69
N GLU A 241 -28.19 5.42 0.23
CA GLU A 241 -28.89 6.55 0.85
C GLU A 241 -29.27 7.61 -0.18
N ASN A 242 -30.51 8.09 -0.10
CA ASN A 242 -30.98 9.26 -0.86
C ASN A 242 -30.76 9.18 -2.36
N VAL A 243 -31.12 8.03 -2.94
CA VAL A 243 -31.00 7.83 -4.38
C VAL A 243 -32.26 8.36 -5.07
N THR A 244 -32.08 9.28 -6.00
CA THR A 244 -33.18 9.81 -6.81
C THR A 244 -33.59 8.81 -7.88
N SER A 245 -32.60 8.22 -8.54
CA SER A 245 -32.86 7.35 -9.68
C SER A 245 -31.75 6.32 -9.87
N ILE A 246 -32.13 5.13 -10.34
CA ILE A 246 -31.17 4.10 -10.73
C ILE A 246 -31.10 4.04 -12.25
N MET A 247 -29.88 4.02 -12.77
CA MET A 247 -29.65 3.81 -14.18
C MET A 247 -28.92 2.47 -14.33
N PHE A 248 -29.66 1.44 -14.75
CA PHE A 248 -29.10 0.10 -14.85
C PHE A 248 -28.61 -0.17 -16.28
N LEU A 249 -27.35 -0.57 -16.40
CA LEU A 249 -26.78 -0.89 -17.70
C LEU A 249 -26.71 -2.41 -17.91
N VAL A 250 -26.99 -2.81 -19.15
CA VAL A 250 -26.96 -4.21 -19.54
C VAL A 250 -26.24 -4.34 -20.88
N ALA A 251 -25.27 -5.24 -20.94
CA ALA A 251 -24.63 -5.58 -22.19
C ALA A 251 -25.55 -6.51 -22.98
N LEU A 252 -26.12 -6.00 -24.07
CA LEU A 252 -26.97 -6.81 -24.95
C LEU A 252 -26.19 -7.96 -25.57
N SER A 253 -24.89 -7.76 -25.76
CA SER A 253 -24.01 -8.74 -26.39
C SER A 253 -23.65 -9.93 -25.50
N GLU A 254 -23.92 -9.85 -24.20
CA GLU A 254 -23.47 -10.88 -23.25
C GLU A 254 -24.37 -12.14 -23.19
N TYR A 255 -25.40 -12.22 -24.03
CA TYR A 255 -26.36 -13.34 -23.98
C TYR A 255 -25.73 -14.72 -24.19
N ASP A 256 -24.65 -14.80 -24.96
CA ASP A 256 -23.99 -16.08 -25.24
C ASP A 256 -22.65 -16.26 -24.51
N GLN A 257 -22.38 -15.42 -23.51
CA GLN A 257 -21.12 -15.47 -22.76
C GLN A 257 -21.35 -15.93 -21.33
N VAL A 258 -20.26 -16.27 -20.65
CA VAL A 258 -20.29 -16.66 -19.24
C VAL A 258 -19.46 -15.70 -18.39
N LEU A 259 -19.73 -15.69 -17.09
CA LEU A 259 -19.11 -14.72 -16.18
C LEU A 259 -17.62 -14.99 -15.98
N VAL A 260 -16.87 -13.93 -15.71
CA VAL A 260 -15.45 -14.03 -15.39
C VAL A 260 -15.31 -14.69 -14.02
N GLU A 261 -16.14 -14.26 -13.07
CA GLU A 261 -16.09 -14.77 -11.70
C GLU A 261 -16.73 -16.15 -11.54
N SER A 262 -17.41 -16.62 -12.58
CA SER A 262 -18.01 -17.96 -12.57
C SER A 262 -18.24 -18.45 -13.99
N ASP A 263 -17.29 -19.24 -14.50
CA ASP A 263 -17.28 -19.63 -15.92
C ASP A 263 -18.27 -20.76 -16.29
N ASN A 264 -19.29 -20.96 -15.47
CA ASN A 264 -20.34 -21.93 -15.79
C ASN A 264 -21.75 -21.32 -15.84
N GLU A 265 -21.85 -20.00 -15.61
CA GLU A 265 -23.14 -19.31 -15.55
C GLU A 265 -23.21 -18.18 -16.57
N ASN A 266 -24.40 -18.01 -17.14
CA ASN A 266 -24.64 -17.07 -18.23
C ASN A 266 -24.61 -15.61 -17.74
N ARG A 267 -23.96 -14.74 -18.52
CA ARG A 267 -23.79 -13.34 -18.14
C ARG A 267 -25.10 -12.56 -18.09
N MET A 268 -25.96 -12.77 -19.08
CA MET A 268 -27.25 -12.11 -19.13
C MET A 268 -28.19 -12.62 -18.04
N GLU A 269 -28.06 -13.90 -17.70
CA GLU A 269 -28.80 -14.49 -16.58
C GLU A 269 -28.54 -13.71 -15.28
N GLU A 270 -27.26 -13.37 -15.05
CA GLU A 270 -26.89 -12.52 -13.89
C GLU A 270 -27.49 -11.14 -14.01
N SER A 271 -27.33 -10.52 -15.17
CA SER A 271 -27.78 -9.14 -15.38
C SER A 271 -29.29 -9.04 -15.18
N LYS A 272 -30.00 -10.00 -15.75
CA LYS A 272 -31.44 -10.10 -15.58
C LYS A 272 -31.80 -10.25 -14.10
N ALA A 273 -31.21 -11.25 -13.44
CA ALA A 273 -31.51 -11.54 -12.04
C ALA A 273 -31.15 -10.37 -11.12
N LEU A 274 -30.01 -9.73 -11.38
CA LEU A 274 -29.58 -8.58 -10.59
C LEU A 274 -30.58 -7.44 -10.69
N PHE A 275 -31.03 -7.14 -11.91
CA PHE A 275 -32.01 -6.08 -12.16
C PHE A 275 -33.34 -6.37 -11.49
N ARG A 276 -33.86 -7.57 -11.68
CA ARG A 276 -35.19 -7.91 -11.16
C ARG A 276 -35.18 -7.97 -9.64
N THR A 277 -34.02 -8.25 -9.05
CA THR A 277 -33.83 -8.18 -7.61
C THR A 277 -33.75 -6.73 -7.13
N ILE A 278 -32.77 -5.99 -7.66
CA ILE A 278 -32.42 -4.65 -7.17
C ILE A 278 -33.58 -3.64 -7.17
N ILE A 279 -34.47 -3.73 -8.15
CA ILE A 279 -35.58 -2.75 -8.25
C ILE A 279 -36.68 -2.92 -7.19
N THR A 280 -36.65 -4.02 -6.44
CA THR A 280 -37.65 -4.28 -5.40
C THR A 280 -37.16 -3.88 -4.00
N TYR A 281 -36.12 -3.06 -3.92
CA TYR A 281 -35.47 -2.77 -2.64
C TYR A 281 -36.05 -1.53 -1.97
N PRO A 282 -36.21 -1.56 -0.63
CA PRO A 282 -36.73 -0.45 0.20
C PRO A 282 -36.12 0.93 -0.09
N TRP A 283 -34.82 0.95 -0.40
CA TRP A 283 -34.12 2.21 -0.67
C TRP A 283 -34.66 2.92 -1.92
N PHE A 284 -35.29 2.17 -2.82
CA PHE A 284 -35.73 2.71 -4.11
C PHE A 284 -37.26 2.73 -4.26
N GLN A 285 -37.97 2.91 -3.15
CA GLN A 285 -39.43 3.03 -3.19
C GLN A 285 -39.86 4.25 -3.99
N ASN A 286 -39.17 5.37 -3.78
CA ASN A 286 -39.47 6.62 -4.47
C ASN A 286 -38.38 7.00 -5.46
N SER A 287 -37.83 6.00 -6.16
CA SER A 287 -36.77 6.22 -7.13
C SER A 287 -37.20 5.71 -8.51
N SER A 288 -36.83 6.46 -9.54
CA SER A 288 -37.09 6.05 -10.91
C SER A 288 -36.00 5.09 -11.37
N VAL A 289 -36.38 4.20 -12.29
CA VAL A 289 -35.48 3.16 -12.77
C VAL A 289 -35.32 3.28 -14.28
N ILE A 290 -34.20 3.82 -14.73
CA ILE A 290 -33.87 3.84 -16.15
C ILE A 290 -33.06 2.60 -16.48
N LEU A 291 -33.41 1.95 -17.59
CA LEU A 291 -32.73 0.73 -18.03
C LEU A 291 -32.05 0.97 -19.37
N PHE A 292 -30.72 0.96 -19.35
CA PHE A 292 -29.95 1.10 -20.58
C PHE A 292 -29.54 -0.28 -21.09
N LEU A 293 -30.11 -0.69 -22.23
CA LEU A 293 -29.69 -1.92 -22.87
C LEU A 293 -28.55 -1.59 -23.83
N ASN A 294 -27.33 -1.74 -23.32
CA ASN A 294 -26.13 -1.21 -23.96
C ASN A 294 -25.48 -2.21 -24.92
N LYS A 295 -24.53 -1.71 -25.71
CA LYS A 295 -23.74 -2.52 -26.65
C LYS A 295 -24.59 -3.07 -27.79
N LYS A 296 -25.60 -2.30 -28.19
CA LYS A 296 -26.48 -2.69 -29.29
C LYS A 296 -25.75 -2.88 -30.61
N ASP A 297 -24.63 -2.19 -30.80
CA ASP A 297 -23.80 -2.37 -31.99
C ASP A 297 -23.14 -3.75 -32.04
N LEU A 298 -22.69 -4.25 -30.89
CA LEU A 298 -22.10 -5.59 -30.81
C LEU A 298 -23.16 -6.68 -31.00
N LEU A 299 -24.38 -6.42 -30.53
CA LEU A 299 -25.50 -7.34 -30.76
C LEU A 299 -25.78 -7.48 -32.25
N GLU A 300 -25.83 -6.35 -32.96
CA GLU A 300 -26.03 -6.36 -34.42
C GLU A 300 -25.03 -7.28 -35.12
N GLU A 301 -23.78 -7.23 -34.66
CA GLU A 301 -22.70 -8.03 -35.25
C GLU A 301 -22.84 -9.51 -34.90
N LYS A 302 -23.05 -9.81 -33.62
CA LYS A 302 -23.07 -11.20 -33.11
C LYS A 302 -24.31 -12.01 -33.50
N ILE A 303 -25.47 -11.36 -33.53
CA ILE A 303 -26.73 -12.05 -33.75
C ILE A 303 -26.78 -12.78 -35.10
N MET A 304 -25.87 -12.40 -36.01
CA MET A 304 -25.78 -13.01 -37.33
C MET A 304 -25.25 -14.45 -37.28
N TYR A 305 -24.34 -14.72 -36.34
CA TYR A 305 -23.72 -16.05 -36.22
C TYR A 305 -23.91 -16.76 -34.87
N SER A 306 -24.33 -16.04 -33.83
CA SER A 306 -24.62 -16.65 -32.52
C SER A 306 -26.11 -16.52 -32.21
N HIS A 307 -26.80 -17.66 -32.16
CA HIS A 307 -28.25 -17.65 -32.09
C HIS A 307 -28.78 -17.57 -30.65
N LEU A 308 -29.65 -16.59 -30.42
CA LEU A 308 -30.22 -16.36 -29.10
C LEU A 308 -31.02 -17.56 -28.60
N VAL A 309 -31.65 -18.28 -29.54
CA VAL A 309 -32.43 -19.48 -29.20
C VAL A 309 -31.60 -20.48 -28.40
N ASP A 310 -30.33 -20.63 -28.78
CA ASP A 310 -29.44 -21.62 -28.17
C ASP A 310 -29.06 -21.32 -26.71
N TYR A 311 -29.30 -20.11 -26.25
CA TYR A 311 -28.98 -19.71 -24.86
C TYR A 311 -30.21 -19.35 -24.03
N PHE A 312 -31.27 -18.87 -24.70
CA PHE A 312 -32.56 -18.63 -24.05
C PHE A 312 -33.65 -19.27 -24.90
N PRO A 313 -33.89 -20.59 -24.72
CA PRO A 313 -34.76 -21.35 -25.62
C PRO A 313 -36.23 -20.93 -25.63
N GLU A 314 -36.62 -20.06 -24.70
CA GLU A 314 -37.97 -19.50 -24.70
C GLU A 314 -38.16 -18.41 -25.78
N TYR A 315 -37.08 -18.02 -26.44
CA TYR A 315 -37.16 -17.08 -27.57
C TYR A 315 -37.70 -17.79 -28.81
N ASP A 316 -38.87 -17.34 -29.27
CA ASP A 316 -39.57 -17.96 -30.40
C ASP A 316 -39.47 -17.13 -31.70
N GLY A 317 -38.78 -16.00 -31.65
CA GLY A 317 -38.62 -15.12 -32.80
C GLY A 317 -37.57 -15.63 -33.79
N PRO A 318 -37.39 -14.91 -34.91
CA PRO A 318 -36.50 -15.35 -35.98
C PRO A 318 -35.03 -15.12 -35.66
N GLN A 319 -34.16 -15.87 -36.33
CA GLN A 319 -32.72 -15.73 -36.17
C GLN A 319 -32.23 -14.51 -36.95
N ARG A 320 -31.01 -14.07 -36.61
CA ARG A 320 -30.31 -12.99 -37.34
C ARG A 320 -31.04 -11.65 -37.33
N ASP A 321 -31.91 -11.44 -36.34
CA ASP A 321 -32.66 -10.20 -36.21
C ASP A 321 -32.35 -9.57 -34.87
N ALA A 322 -31.65 -8.44 -34.90
CA ALA A 322 -31.23 -7.76 -33.68
C ALA A 322 -32.42 -7.15 -32.94
N GLN A 323 -33.28 -6.45 -33.67
CA GLN A 323 -34.49 -5.83 -33.11
C GLN A 323 -35.35 -6.82 -32.32
N ALA A 324 -35.64 -7.97 -32.94
CA ALA A 324 -36.40 -9.04 -32.29
C ALA A 324 -35.69 -9.55 -31.03
N ALA A 325 -34.37 -9.68 -31.12
CA ALA A 325 -33.56 -10.18 -30.00
C ALA A 325 -33.49 -9.17 -28.85
N ARG A 326 -33.22 -7.90 -29.15
CA ARG A 326 -33.11 -6.88 -28.11
C ARG A 326 -34.45 -6.66 -27.42
N GLU A 327 -35.55 -6.76 -28.19
CA GLU A 327 -36.89 -6.57 -27.64
C GLU A 327 -37.29 -7.74 -26.75
N PHE A 328 -36.84 -8.94 -27.09
CA PHE A 328 -37.04 -10.11 -26.21
C PHE A 328 -36.29 -9.95 -24.89
N ILE A 329 -35.08 -9.42 -24.97
CA ILE A 329 -34.24 -9.20 -23.80
C ILE A 329 -34.87 -8.14 -22.90
N LEU A 330 -35.32 -7.04 -23.49
CA LEU A 330 -36.05 -6.01 -22.75
C LEU A 330 -37.24 -6.61 -22.01
N LYS A 331 -37.91 -7.55 -22.67
CA LYS A 331 -39.06 -8.25 -22.11
C LYS A 331 -38.66 -9.08 -20.89
N MET A 332 -37.61 -9.90 -21.05
CA MET A 332 -37.07 -10.70 -19.94
C MET A 332 -36.83 -9.87 -18.68
N PHE A 333 -36.32 -8.65 -18.86
CA PHE A 333 -35.98 -7.78 -17.74
C PHE A 333 -37.23 -7.18 -17.08
N VAL A 334 -38.05 -6.49 -17.88
CA VAL A 334 -39.15 -5.68 -17.34
C VAL A 334 -40.44 -6.44 -17.05
N ASP A 335 -40.78 -7.42 -17.87
CA ASP A 335 -42.09 -8.10 -17.78
C ASP A 335 -42.22 -9.03 -16.57
N LEU A 336 -43.46 -9.11 -16.08
CA LEU A 336 -43.86 -10.07 -15.03
C LEU A 336 -42.96 -10.04 -13.81
N ASN A 337 -43.06 -8.96 -13.04
CA ASN A 337 -42.39 -8.87 -11.76
C ASN A 337 -43.46 -8.69 -10.67
N PRO A 338 -43.78 -9.79 -9.95
CA PRO A 338 -44.79 -9.74 -8.88
C PRO A 338 -44.50 -8.68 -7.81
N ASP A 339 -43.22 -8.52 -7.47
CA ASP A 339 -42.79 -7.55 -6.44
C ASP A 339 -42.80 -6.09 -6.94
N SER A 340 -42.49 -5.87 -8.22
CA SER A 340 -42.34 -4.51 -8.74
C SER A 340 -43.63 -3.98 -9.38
N ASP A 341 -43.92 -2.71 -9.11
CA ASP A 341 -45.10 -2.02 -9.63
C ASP A 341 -44.76 -0.73 -10.39
N LYS A 342 -43.47 -0.37 -10.45
CA LYS A 342 -43.05 0.94 -10.96
C LYS A 342 -42.73 0.89 -12.46
N ILE A 343 -42.98 2.00 -13.14
CA ILE A 343 -42.68 2.12 -14.57
C ILE A 343 -41.17 2.14 -14.79
N ILE A 344 -40.73 1.41 -15.81
CA ILE A 344 -39.32 1.31 -16.15
C ILE A 344 -39.07 1.97 -17.51
N TYR A 345 -38.14 2.92 -17.55
CA TYR A 345 -37.84 3.66 -18.78
C TYR A 345 -36.61 3.08 -19.47
N SER A 346 -36.82 2.22 -20.45
CA SER A 346 -35.73 1.57 -21.17
C SER A 346 -35.25 2.43 -22.33
N HIS A 347 -33.97 2.27 -22.67
CA HIS A 347 -33.38 2.87 -23.86
C HIS A 347 -32.33 1.92 -24.40
N PHE A 348 -32.25 1.79 -25.73
CA PHE A 348 -31.20 1.00 -26.35
C PHE A 348 -30.03 1.90 -26.69
N THR A 349 -28.87 1.60 -26.11
CA THR A 349 -27.71 2.50 -26.20
C THR A 349 -26.45 1.84 -26.76
N CYS A 350 -25.55 2.70 -27.22
CA CYS A 350 -24.17 2.31 -27.49
C CYS A 350 -23.30 3.33 -26.78
N ALA A 351 -22.78 2.98 -25.62
CA ALA A 351 -22.10 3.93 -24.73
C ALA A 351 -20.87 4.60 -25.32
N THR A 352 -20.23 3.94 -26.30
CA THR A 352 -19.07 4.52 -26.97
C THR A 352 -19.45 5.58 -28.02
N ASP A 353 -20.74 5.66 -28.35
CA ASP A 353 -21.25 6.63 -29.33
C ASP A 353 -21.76 7.88 -28.65
N THR A 354 -20.99 8.97 -28.74
CA THR A 354 -21.29 10.22 -28.04
C THR A 354 -22.65 10.83 -28.44
N GLU A 355 -22.95 10.85 -29.72
CA GLU A 355 -24.22 11.45 -30.20
C GLU A 355 -25.45 10.64 -29.79
N ASN A 356 -25.28 9.33 -29.65
CA ASN A 356 -26.36 8.49 -29.14
C ASN A 356 -26.67 8.82 -27.69
N ILE A 357 -25.63 8.88 -26.87
CA ILE A 357 -25.77 9.15 -25.43
C ILE A 357 -26.21 10.59 -25.15
N ARG A 358 -25.87 11.53 -26.03
CA ARG A 358 -26.33 12.90 -25.89
C ARG A 358 -27.85 12.97 -26.02
N PHE A 359 -28.38 12.33 -27.05
CA PHE A 359 -29.82 12.24 -27.27
C PHE A 359 -30.48 11.45 -26.15
N VAL A 360 -29.94 10.28 -25.85
CA VAL A 360 -30.54 9.38 -24.86
C VAL A 360 -30.62 10.04 -23.49
N PHE A 361 -29.54 10.66 -23.04
CA PHE A 361 -29.53 11.25 -21.70
C PHE A 361 -30.33 12.55 -21.61
N ALA A 362 -30.54 13.23 -22.73
CA ALA A 362 -31.42 14.40 -22.76
C ALA A 362 -32.85 13.95 -22.41
N ALA A 363 -33.26 12.80 -22.93
CA ALA A 363 -34.57 12.24 -22.61
C ALA A 363 -34.65 11.79 -21.15
N VAL A 364 -33.60 11.15 -20.65
CA VAL A 364 -33.55 10.68 -19.27
C VAL A 364 -33.50 11.85 -18.28
N LYS A 365 -32.85 12.94 -18.68
CA LYS A 365 -32.86 14.16 -17.86
C LYS A 365 -34.28 14.66 -17.64
N ASP A 366 -35.02 14.81 -18.74
CA ASP A 366 -36.39 15.29 -18.70
C ASP A 366 -37.26 14.38 -17.84
N THR A 367 -37.06 13.08 -17.96
CA THR A 367 -37.86 12.10 -17.22
C THR A 367 -37.64 12.19 -15.72
N ILE A 368 -36.38 12.30 -15.31
CA ILE A 368 -36.03 12.35 -13.89
C ILE A 368 -36.52 13.63 -13.22
N LEU A 369 -36.27 14.77 -13.87
CA LEU A 369 -36.71 16.06 -13.34
C LEU A 369 -38.24 16.11 -13.21
N GLN A 370 -38.93 15.63 -14.25
CA GLN A 370 -40.39 15.54 -14.26
C GLN A 370 -40.92 14.91 -12.95
N LEU A 371 -40.35 13.76 -12.61
CA LEU A 371 -40.78 12.98 -11.45
C LEU A 371 -40.35 13.61 -10.11
N ASN A 372 -39.26 14.37 -10.11
CA ASN A 372 -38.77 15.06 -8.91
C ASN A 372 -38.77 16.57 -9.08
N GLN B 13 9.12 -0.92 -9.85
CA GLN B 13 10.50 -1.48 -9.94
C GLN B 13 11.12 -1.66 -8.54
N LEU B 14 10.57 -2.60 -7.77
CA LEU B 14 11.13 -2.99 -6.49
C LEU B 14 11.88 -4.32 -6.62
N GLU B 15 13.18 -4.23 -6.87
CA GLU B 15 14.02 -5.43 -6.98
C GLU B 15 14.41 -5.95 -5.60
N PRO B 16 14.63 -7.28 -5.48
CA PRO B 16 15.06 -7.84 -4.20
C PRO B 16 16.51 -7.48 -3.86
N PRO B 17 16.91 -7.64 -2.59
CA PRO B 17 18.24 -7.20 -2.16
C PRO B 17 19.35 -8.02 -2.80
N THR B 18 20.14 -7.39 -3.66
CA THR B 18 21.22 -8.05 -4.39
C THR B 18 22.58 -7.65 -3.80
N VAL B 19 23.42 -8.65 -3.56
CA VAL B 19 24.76 -8.42 -3.03
C VAL B 19 25.75 -8.58 -4.17
N VAL B 20 26.37 -7.48 -4.59
CA VAL B 20 27.35 -7.50 -5.67
C VAL B 20 28.58 -8.33 -5.30
N GLU B 21 29.26 -8.86 -6.31
CA GLU B 21 30.33 -9.84 -6.10
C GLU B 21 31.49 -9.32 -5.23
N THR B 22 31.72 -8.01 -5.26
CA THR B 22 32.75 -7.39 -4.42
C THR B 22 32.44 -7.61 -2.94
N LEU B 23 31.19 -7.36 -2.56
CA LEU B 23 30.76 -7.49 -1.18
C LEU B 23 30.73 -8.94 -0.71
N ARG B 24 30.47 -9.87 -1.63
CA ARG B 24 30.50 -11.30 -1.34
C ARG B 24 31.93 -11.76 -1.06
N ARG B 25 32.81 -11.58 -2.05
CA ARG B 25 34.20 -12.05 -1.94
C ARG B 25 34.97 -11.27 -0.87
N GLY B 26 34.63 -9.99 -0.73
CA GLY B 26 35.15 -9.17 0.36
C GLY B 26 36.23 -8.18 -0.04
N SER B 27 36.44 -7.18 0.81
CA SER B 27 37.46 -6.17 0.59
C SER B 27 38.18 -5.87 1.90
N LYS B 28 39.41 -5.40 1.79
CA LYS B 28 40.27 -5.15 2.94
C LYS B 28 40.07 -3.74 3.50
N PHE B 29 39.73 -3.67 4.78
CA PHE B 29 39.61 -2.41 5.50
C PHE B 29 40.43 -2.47 6.78
N ILE B 30 40.68 -1.32 7.37
CA ILE B 30 41.23 -1.25 8.73
C ILE B 30 40.18 -0.59 9.63
N LYS B 31 39.60 -1.40 10.51
CA LYS B 31 38.57 -0.93 11.43
C LYS B 31 39.21 -0.18 12.59
N TRP B 32 38.88 1.10 12.72
CA TRP B 32 39.44 1.93 13.79
C TRP B 32 38.33 2.45 14.71
N ASP B 33 38.73 3.02 15.85
CA ASP B 33 37.83 3.39 16.91
C ASP B 33 38.36 4.62 17.66
N GLU B 34 37.47 5.53 18.05
CA GLU B 34 37.88 6.74 18.78
C GLU B 34 37.94 6.53 20.29
N GLU B 35 37.10 5.64 20.82
CA GLU B 35 37.05 5.38 22.27
C GLU B 35 38.36 4.79 22.80
N THR B 36 38.67 3.56 22.36
CA THR B 36 39.88 2.86 22.81
C THR B 36 41.08 3.07 21.88
N SER B 37 40.88 3.80 20.78
CA SER B 37 41.93 4.03 19.77
C SER B 37 42.54 2.71 19.27
N SER B 38 41.68 1.74 18.98
CA SER B 38 42.09 0.42 18.52
C SER B 38 42.21 0.41 17.00
N ARG B 39 43.16 -0.38 16.50
CA ARG B 39 43.42 -0.50 15.06
C ARG B 39 43.58 -1.97 14.69
N ASN B 40 42.72 -2.47 13.79
CA ASN B 40 42.80 -3.86 13.34
C ASN B 40 42.44 -3.98 11.85
N LEU B 41 43.33 -4.61 11.09
CA LEU B 41 43.05 -4.93 9.69
C LEU B 41 42.05 -6.08 9.62
N VAL B 42 40.98 -5.90 8.86
CA VAL B 42 39.95 -6.93 8.71
C VAL B 42 39.49 -7.03 7.26
N THR B 43 38.81 -8.13 6.96
CA THR B 43 38.17 -8.32 5.66
C THR B 43 36.65 -8.24 5.86
N LEU B 44 36.02 -7.28 5.18
CA LEU B 44 34.57 -7.13 5.23
C LEU B 44 33.90 -7.98 4.17
N ARG B 45 32.89 -8.74 4.58
CA ARG B 45 32.05 -9.49 3.66
C ARG B 45 30.59 -9.23 4.00
N VAL B 46 29.73 -9.50 3.01
CA VAL B 46 28.29 -9.54 3.21
C VAL B 46 27.80 -10.84 2.62
N ASP B 47 27.03 -11.61 3.39
CA ASP B 47 26.52 -12.91 2.91
C ASP B 47 25.58 -12.72 1.71
N PRO B 48 25.52 -13.72 0.80
CA PRO B 48 24.72 -13.67 -0.43
C PRO B 48 23.29 -13.11 -0.30
N ASN B 49 22.59 -13.46 0.78
CA ASN B 49 21.24 -12.95 1.02
C ASN B 49 21.20 -11.50 1.48
N GLY B 50 22.32 -10.97 1.95
CA GLY B 50 22.40 -9.58 2.39
C GLY B 50 21.82 -9.35 3.77
N PHE B 51 21.96 -10.36 4.64
CA PHE B 51 21.48 -10.26 6.01
C PHE B 51 22.48 -9.55 6.91
N PHE B 52 23.75 -9.96 6.84
CA PHE B 52 24.78 -9.46 7.75
C PHE B 52 26.00 -8.92 7.05
N LEU B 53 26.47 -7.76 7.53
CA LEU B 53 27.82 -7.29 7.28
C LEU B 53 28.70 -7.96 8.32
N TYR B 54 29.72 -8.70 7.90
CA TYR B 54 30.57 -9.43 8.84
C TYR B 54 32.06 -9.38 8.52
N TRP B 55 32.87 -9.34 9.57
CA TRP B 55 34.32 -9.24 9.47
C TRP B 55 34.98 -10.08 10.56
N THR B 56 36.25 -10.42 10.36
CA THR B 56 37.02 -11.18 11.33
C THR B 56 38.04 -10.27 12.01
N GLY B 57 37.83 -10.00 13.29
CA GLY B 57 38.61 -9.00 14.04
C GLY B 57 39.84 -9.56 14.76
N PRO B 58 39.88 -9.43 16.09
CA PRO B 58 41.07 -9.82 16.86
C PRO B 58 41.23 -11.34 16.95
N ASN B 59 42.47 -11.82 16.81
CA ASN B 59 42.77 -13.23 16.62
C ASN B 59 41.99 -13.82 15.44
N MET B 60 40.76 -14.30 15.70
CA MET B 60 39.92 -14.91 14.68
C MET B 60 38.40 -14.85 14.96
N GLU B 61 37.97 -14.10 15.98
CA GLU B 61 36.54 -14.04 16.32
C GLU B 61 35.76 -13.25 15.27
N VAL B 62 34.64 -13.82 14.82
CA VAL B 62 33.84 -13.23 13.76
C VAL B 62 32.78 -12.30 14.34
N ASP B 63 32.83 -11.03 13.94
CA ASP B 63 31.83 -10.04 14.32
C ASP B 63 30.82 -9.85 13.20
N THR B 64 29.57 -9.60 13.59
CA THR B 64 28.47 -9.40 12.64
C THR B 64 27.69 -8.15 12.99
N LEU B 65 27.31 -7.39 11.96
CA LEU B 65 26.35 -6.31 12.11
C LEU B 65 25.12 -6.65 11.28
N ASP B 66 23.96 -6.62 11.92
CA ASP B 66 22.70 -6.88 11.25
C ASP B 66 22.36 -5.68 10.36
N ILE B 67 22.29 -5.92 9.04
CA ILE B 67 22.09 -4.85 8.06
C ILE B 67 20.77 -4.09 8.29
N SER B 68 19.73 -4.79 8.73
CA SER B 68 18.46 -4.15 9.08
C SER B 68 18.56 -3.18 10.26
N SER B 69 19.63 -3.28 11.05
CA SER B 69 19.88 -2.33 12.13
C SER B 69 20.67 -1.09 11.68
N ILE B 70 21.10 -1.06 10.42
CA ILE B 70 21.80 0.10 9.87
C ILE B 70 20.81 1.25 9.66
N ARG B 71 21.23 2.45 10.04
CA ARG B 71 20.44 3.66 9.83
C ARG B 71 21.05 4.56 8.74
N ASP B 72 22.38 4.52 8.61
CA ASP B 72 23.07 5.28 7.56
C ASP B 72 24.49 4.77 7.32
N THR B 73 24.98 5.00 6.10
CA THR B 73 26.38 4.80 5.75
C THR B 73 26.92 6.11 5.18
N ARG B 74 28.18 6.43 5.49
CA ARG B 74 28.78 7.70 5.10
C ARG B 74 30.20 7.53 4.59
N THR B 75 30.63 8.45 3.75
CA THR B 75 31.96 8.41 3.14
C THR B 75 32.46 9.81 2.80
N GLY B 76 33.77 9.96 2.62
CA GLY B 76 34.37 11.23 2.22
C GLY B 76 34.26 12.31 3.28
N ARG B 77 33.51 13.36 2.97
CA ARG B 77 33.31 14.50 3.88
C ARG B 77 32.51 14.05 5.10
N TYR B 78 31.45 13.30 4.83
CA TYR B 78 30.45 12.94 5.83
C TYR B 78 30.91 11.80 6.74
N ALA B 79 31.95 11.09 6.33
CA ALA B 79 32.56 10.08 7.20
C ALA B 79 33.17 10.75 8.42
N ARG B 80 33.04 10.09 9.56
CA ARG B 80 33.62 10.58 10.81
C ARG B 80 35.14 10.48 10.73
N LEU B 81 35.82 11.62 10.90
CA LEU B 81 37.28 11.68 10.80
C LEU B 81 37.95 11.34 12.13
N PRO B 82 39.18 10.80 12.08
CA PRO B 82 39.96 10.49 13.28
C PRO B 82 40.66 11.71 13.85
N LYS B 83 40.10 12.27 14.92
CA LYS B 83 40.66 13.46 15.56
C LYS B 83 41.86 13.11 16.45
N ASP B 84 41.86 11.87 16.94
CA ASP B 84 42.97 11.35 17.75
C ASP B 84 44.27 11.38 16.94
N PRO B 85 45.34 11.97 17.51
CA PRO B 85 46.60 12.10 16.76
C PRO B 85 47.35 10.79 16.58
N LYS B 86 47.12 9.82 17.46
CA LYS B 86 47.82 8.54 17.42
C LYS B 86 47.33 7.70 16.24
N ILE B 87 46.01 7.65 16.07
CA ILE B 87 45.38 6.93 14.96
C ILE B 87 45.74 7.61 13.64
N ARG B 88 45.59 8.93 13.61
CA ARG B 88 45.89 9.73 12.41
C ARG B 88 47.31 9.55 11.90
N GLU B 89 48.24 9.25 12.82
CA GLU B 89 49.65 9.00 12.46
C GLU B 89 49.80 7.72 11.61
N VAL B 90 48.96 6.72 11.89
CA VAL B 90 49.00 5.45 11.16
C VAL B 90 48.36 5.58 9.77
N LEU B 91 47.51 6.59 9.60
CA LEU B 91 46.76 6.78 8.36
C LEU B 91 47.41 7.82 7.46
N GLY B 92 47.66 9.01 8.01
CA GLY B 92 48.30 10.09 7.26
C GLY B 92 48.13 11.45 7.93
N ASP B 97 45.11 14.59 2.77
CA ASP B 97 43.90 15.35 3.07
C ASP B 97 42.71 14.88 2.24
N ALA B 98 42.75 15.15 0.94
CA ALA B 98 41.63 14.85 0.04
C ALA B 98 41.48 13.35 -0.21
N ARG B 99 42.59 12.69 -0.55
CA ARG B 99 42.58 11.28 -0.92
C ARG B 99 42.48 10.36 0.30
N LEU B 100 43.07 10.78 1.42
CA LEU B 100 42.98 10.01 2.67
C LEU B 100 41.55 9.99 3.20
N GLU B 101 40.89 11.14 3.19
CA GLU B 101 39.49 11.24 3.62
C GLU B 101 38.53 10.57 2.63
N GLU B 102 38.94 10.48 1.37
CA GLU B 102 38.09 9.95 0.30
C GLU B 102 37.76 8.45 0.44
N LYS B 103 38.61 7.71 1.17
CA LYS B 103 38.39 6.28 1.39
C LYS B 103 38.07 5.96 2.84
N LEU B 104 37.31 6.84 3.50
CA LEU B 104 36.75 6.56 4.82
C LEU B 104 35.34 6.02 4.64
N MET B 105 34.90 5.18 5.57
CA MET B 105 33.52 4.72 5.60
C MET B 105 33.03 4.57 7.03
N THR B 106 31.97 5.29 7.37
CA THR B 106 31.35 5.22 8.68
C THR B 106 29.98 4.57 8.54
N VAL B 107 29.75 3.51 9.30
CA VAL B 107 28.45 2.83 9.34
C VAL B 107 27.74 3.23 10.62
N VAL B 108 26.52 3.73 10.49
CA VAL B 108 25.70 4.12 11.64
C VAL B 108 24.58 3.11 11.81
N SER B 109 24.58 2.41 12.94
CA SER B 109 23.52 1.47 13.28
C SER B 109 22.98 1.75 14.66
N GLY B 110 21.79 1.23 14.95
CA GLY B 110 21.19 1.37 16.28
C GLY B 110 19.70 1.06 16.30
N PRO B 111 19.16 0.76 17.50
CA PRO B 111 17.73 0.49 17.63
C PRO B 111 16.82 1.72 17.57
N ASP B 112 17.39 2.93 17.61
CA ASP B 112 16.62 4.17 17.54
C ASP B 112 17.52 5.37 17.20
N PRO B 113 16.93 6.52 16.82
CA PRO B 113 17.72 7.72 16.49
C PRO B 113 18.74 8.16 17.55
N VAL B 114 18.38 8.04 18.82
CA VAL B 114 19.22 8.55 19.90
C VAL B 114 20.39 7.63 20.20
N ASN B 115 20.13 6.31 20.21
CA ASN B 115 21.13 5.31 20.58
C ASN B 115 21.83 4.73 19.35
N THR B 116 22.76 5.49 18.78
CA THR B 116 23.48 5.08 17.58
C THR B 116 24.92 4.70 17.88
N VAL B 117 25.34 3.55 17.37
CA VAL B 117 26.74 3.15 17.43
C VAL B 117 27.38 3.48 16.08
N PHE B 118 28.61 3.99 16.13
CA PHE B 118 29.37 4.35 14.94
C PHE B 118 30.53 3.39 14.74
N LEU B 119 30.56 2.76 13.57
CA LEU B 119 31.63 1.82 13.21
C LEU B 119 32.39 2.41 12.03
N ASN B 120 33.68 2.62 12.22
CA ASN B 120 34.52 3.28 11.22
C ASN B 120 35.47 2.32 10.52
N PHE B 121 35.55 2.45 9.20
CA PHE B 121 36.46 1.66 8.39
C PHE B 121 37.19 2.56 7.40
N MET B 122 38.37 2.13 6.99
CA MET B 122 39.11 2.77 5.91
C MET B 122 39.70 1.69 5.03
N ALA B 123 39.39 1.76 3.73
CA ALA B 123 39.84 0.76 2.78
C ALA B 123 41.33 0.92 2.48
N VAL B 124 41.97 -0.19 2.11
CA VAL B 124 43.36 -0.14 1.65
C VAL B 124 43.39 0.25 0.17
N GLN B 125 42.38 -0.17 -0.57
CA GLN B 125 42.30 0.09 -2.02
C GLN B 125 41.59 1.41 -2.29
N ASP B 126 41.87 2.00 -3.45
CA ASP B 126 41.28 3.28 -3.84
C ASP B 126 39.82 3.10 -4.24
N ASP B 127 39.05 4.17 -4.08
CA ASP B 127 37.59 4.20 -4.35
C ASP B 127 36.86 2.89 -4.07
N THR B 128 37.15 2.30 -2.92
CA THR B 128 36.47 1.10 -2.44
C THR B 128 35.33 1.49 -1.49
N ALA B 129 35.63 2.42 -0.58
CA ALA B 129 34.65 2.92 0.39
C ALA B 129 33.39 3.47 -0.29
N LYS B 130 33.56 4.15 -1.41
CA LYS B 130 32.42 4.70 -2.17
C LYS B 130 31.42 3.60 -2.56
N VAL B 131 31.93 2.45 -3.00
CA VAL B 131 31.08 1.33 -3.42
C VAL B 131 30.41 0.68 -2.21
N TRP B 132 31.20 0.35 -1.19
CA TRP B 132 30.70 -0.28 0.03
C TRP B 132 29.68 0.59 0.76
N SER B 133 29.93 1.89 0.81
CA SER B 133 29.01 2.84 1.44
C SER B 133 27.66 2.85 0.73
N GLU B 134 27.69 3.02 -0.59
CA GLU B 134 26.47 3.06 -1.40
C GLU B 134 25.72 1.73 -1.40
N GLU B 135 26.45 0.63 -1.55
CA GLU B 135 25.84 -0.70 -1.67
C GLU B 135 25.22 -1.19 -0.35
N LEU B 136 25.88 -0.93 0.77
CA LEU B 136 25.31 -1.22 2.08
C LEU B 136 24.02 -0.44 2.31
N PHE B 137 24.00 0.82 1.89
CA PHE B 137 22.84 1.68 2.05
C PHE B 137 21.62 1.15 1.30
N LYS B 138 21.84 0.63 0.09
CA LYS B 138 20.76 0.03 -0.69
C LYS B 138 20.21 -1.21 -0.01
N LEU B 139 21.09 -2.07 0.48
CA LEU B 139 20.68 -3.27 1.22
C LEU B 139 19.92 -2.90 2.49
N ALA B 140 20.42 -1.90 3.21
CA ALA B 140 19.82 -1.44 4.46
C ALA B 140 18.40 -0.93 4.25
N MET B 141 18.19 -0.13 3.20
CA MET B 141 16.90 0.49 2.94
C MET B 141 15.99 -0.31 2.02
N ASN B 142 16.41 -1.54 1.67
CA ASN B 142 15.62 -2.40 0.81
C ASN B 142 14.28 -2.76 1.47
N ILE B 143 13.20 -2.64 0.71
CA ILE B 143 11.84 -2.81 1.23
C ILE B 143 11.46 -4.28 1.37
N LEU B 144 11.79 -5.09 0.36
CA LEU B 144 11.55 -6.53 0.41
C LEU B 144 12.35 -7.20 1.54
N ALA B 145 13.52 -6.65 1.83
CA ALA B 145 14.38 -7.17 2.89
C ALA B 145 13.75 -6.98 4.27
N GLN B 146 13.22 -5.80 4.50
CA GLN B 146 12.57 -5.48 5.77
C GLN B 146 11.22 -6.21 5.93
N ASN B 147 10.52 -6.41 4.82
CA ASN B 147 9.26 -7.13 4.81
C ASN B 147 9.42 -8.56 4.31
N ALA B 148 10.52 -9.20 4.67
CA ALA B 148 10.82 -10.55 4.21
C ALA B 148 9.78 -11.54 4.73
N SER B 149 9.70 -12.70 4.09
CA SER B 149 8.84 -13.77 4.55
C SER B 149 9.31 -14.30 5.90
N ARG B 150 8.43 -15.01 6.60
CA ARG B 150 8.80 -15.63 7.86
C ARG B 150 9.97 -16.59 7.65
N ASN B 151 9.88 -17.42 6.62
CA ASN B 151 10.95 -18.35 6.27
C ASN B 151 12.29 -17.66 6.08
N THR B 152 12.28 -16.51 5.41
CA THR B 152 13.49 -15.74 5.15
C THR B 152 14.13 -15.25 6.45
N PHE B 153 13.30 -14.91 7.44
CA PHE B 153 13.83 -14.51 8.74
C PHE B 153 14.41 -15.70 9.50
N LEU B 154 13.85 -16.89 9.30
CA LEU B 154 14.41 -18.10 9.88
C LEU B 154 15.72 -18.46 9.18
N ARG B 155 15.81 -18.22 7.88
CA ARG B 155 17.07 -18.39 7.13
C ARG B 155 18.12 -17.38 7.56
N LYS B 156 17.68 -16.19 7.99
CA LYS B 156 18.59 -15.20 8.55
C LYS B 156 19.19 -15.68 9.88
N ALA B 157 18.34 -16.25 10.73
CA ALA B 157 18.80 -16.83 11.99
C ALA B 157 19.82 -17.93 11.75
N TYR B 158 19.54 -18.77 10.76
CA TYR B 158 20.47 -19.82 10.33
C TYR B 158 21.80 -19.22 9.88
N THR B 159 21.73 -18.19 9.05
CA THR B 159 22.93 -17.53 8.53
C THR B 159 23.81 -16.99 9.65
N LYS B 160 23.19 -16.43 10.70
CA LYS B 160 23.92 -15.89 11.83
C LYS B 160 24.77 -16.97 12.51
N LEU B 161 24.16 -18.10 12.80
CA LEU B 161 24.86 -19.22 13.44
C LEU B 161 26.06 -19.68 12.61
N LYS B 162 25.89 -19.68 11.28
CA LYS B 162 26.95 -20.12 10.37
C LYS B 162 28.08 -19.11 10.20
N LEU B 163 27.81 -17.83 10.42
CA LEU B 163 28.85 -16.80 10.35
C LEU B 163 29.66 -16.72 11.65
N GLN B 164 28.96 -16.58 12.76
CA GLN B 164 29.60 -16.48 14.07
C GLN B 164 30.18 -17.83 14.49
N VAL B 165 31.38 -18.11 14.00
CA VAL B 165 32.07 -19.37 14.25
C VAL B 165 33.31 -19.13 15.09
N ASN B 166 33.79 -20.20 15.72
CA ASN B 166 35.02 -20.16 16.52
C ASN B 166 36.25 -19.94 15.63
N GLN B 167 37.43 -19.86 16.26
CA GLN B 167 38.67 -19.59 15.54
C GLN B 167 39.06 -20.67 14.53
N ASP B 168 38.62 -21.91 14.76
CA ASP B 168 38.91 -23.02 13.84
C ASP B 168 37.76 -23.30 12.85
N GLY B 169 36.85 -22.34 12.69
CA GLY B 169 35.85 -22.35 11.61
C GLY B 169 34.57 -23.16 11.83
N ARG B 170 34.37 -23.64 13.06
CA ARG B 170 33.20 -24.45 13.39
C ARG B 170 32.14 -23.65 14.16
N ILE B 171 30.90 -24.14 14.11
CA ILE B 171 29.77 -23.49 14.76
C ILE B 171 29.65 -24.02 16.19
N PRO B 172 29.95 -23.19 17.20
CA PRO B 172 29.90 -23.67 18.57
C PRO B 172 28.45 -23.87 19.04
N VAL B 173 28.23 -24.92 19.82
CA VAL B 173 26.89 -25.31 20.27
C VAL B 173 26.27 -24.27 21.20
N LYS B 174 27.09 -23.62 22.03
CA LYS B 174 26.60 -22.59 22.96
C LYS B 174 25.97 -21.39 22.27
N ASN B 175 26.39 -21.08 21.04
CA ASN B 175 25.74 -20.02 20.25
C ASN B 175 24.32 -20.40 19.86
N ILE B 176 24.10 -21.68 19.57
CA ILE B 176 22.76 -22.19 19.31
C ILE B 176 21.92 -22.15 20.59
N LEU B 177 22.54 -22.45 21.72
CA LEU B 177 21.87 -22.35 23.02
C LEU B 177 21.55 -20.91 23.38
N LYS B 178 22.48 -19.99 23.06
CA LYS B 178 22.26 -18.57 23.32
C LYS B 178 21.08 -18.04 22.51
N MET B 179 21.03 -18.40 21.23
CA MET B 179 19.95 -17.98 20.32
C MET B 179 18.57 -18.44 20.77
N PHE B 180 18.51 -19.60 21.42
CA PHE B 180 17.25 -20.15 21.93
C PHE B 180 17.43 -20.46 23.42
N SER B 181 17.68 -19.40 24.20
CA SER B 181 18.06 -19.55 25.60
C SER B 181 16.92 -19.84 26.60
N ALA B 182 15.67 -19.84 26.12
CA ALA B 182 14.53 -20.07 27.00
C ALA B 182 14.51 -21.49 27.58
N ASP B 183 14.31 -22.49 26.72
CA ASP B 183 14.26 -23.88 27.14
C ASP B 183 15.44 -24.64 26.54
N LYS B 184 16.60 -24.55 27.19
CA LYS B 184 17.84 -25.15 26.68
C LYS B 184 17.86 -26.67 26.76
N LYS B 185 17.05 -27.26 27.63
CA LYS B 185 16.96 -28.73 27.72
C LYS B 185 16.28 -29.31 26.48
N ARG B 186 15.27 -28.60 25.98
CA ARG B 186 14.57 -29.02 24.76
C ARG B 186 15.46 -28.84 23.54
N VAL B 187 16.28 -27.78 23.55
CA VAL B 187 17.22 -27.50 22.46
C VAL B 187 18.21 -28.65 22.30
N GLU B 188 18.73 -29.15 23.41
CA GLU B 188 19.65 -30.29 23.41
C GLU B 188 18.98 -31.55 22.84
N THR B 189 17.71 -31.76 23.19
CA THR B 189 16.97 -32.93 22.73
C THR B 189 16.73 -32.88 21.22
N ALA B 190 16.45 -31.69 20.72
CA ALA B 190 16.26 -31.48 19.28
C ALA B 190 17.57 -31.69 18.51
N LEU B 191 18.67 -31.21 19.08
CA LEU B 191 20.00 -31.40 18.49
C LEU B 191 20.41 -32.88 18.50
N GLU B 192 20.15 -33.56 19.61
CA GLU B 192 20.41 -34.99 19.71
C GLU B 192 19.62 -35.75 18.66
N SER B 193 18.37 -35.33 18.46
CA SER B 193 17.44 -36.00 17.56
C SER B 193 17.85 -35.93 16.07
N CYS B 194 18.59 -34.91 15.70
CA CYS B 194 19.08 -34.75 14.33
C CYS B 194 20.44 -35.42 14.08
N GLY B 195 21.00 -36.04 15.11
CA GLY B 195 22.34 -36.59 15.03
C GLY B 195 23.42 -35.53 15.03
N LEU B 196 23.10 -34.37 15.61
CA LEU B 196 24.07 -33.28 15.76
C LEU B 196 24.70 -33.33 17.14
N LYS B 197 25.84 -32.68 17.30
CA LYS B 197 26.47 -32.50 18.61
C LYS B 197 25.61 -31.57 19.45
N PHE B 198 25.45 -31.90 20.74
CA PHE B 198 24.55 -31.16 21.62
C PHE B 198 25.13 -30.78 22.99
N ASN B 199 26.42 -31.03 23.22
CA ASN B 199 27.05 -30.60 24.46
C ASN B 199 27.52 -29.16 24.33
N ARG B 200 27.44 -28.42 25.43
CA ARG B 200 27.77 -27.00 25.47
C ARG B 200 29.23 -26.71 25.10
N SER B 201 30.12 -27.64 25.45
CA SER B 201 31.57 -27.44 25.30
C SER B 201 32.12 -27.71 23.90
N GLU B 202 31.31 -28.29 23.01
CA GLU B 202 31.79 -28.72 21.69
C GLU B 202 31.20 -27.88 20.55
N SER B 203 31.62 -28.17 19.33
CA SER B 203 31.23 -27.38 18.16
C SER B 203 30.92 -28.26 16.95
N ILE B 204 30.24 -27.67 15.97
CA ILE B 204 29.71 -28.40 14.82
C ILE B 204 30.37 -27.93 13.52
N ARG B 205 30.63 -28.88 12.62
CA ARG B 205 31.23 -28.55 11.32
C ARG B 205 30.19 -27.88 10.43
N PRO B 206 30.57 -26.79 9.74
CA PRO B 206 29.62 -26.14 8.82
C PRO B 206 29.13 -27.12 7.75
N ASP B 207 30.07 -27.90 7.22
CA ASP B 207 29.77 -29.05 6.36
C ASP B 207 28.51 -29.79 6.83
N GLU B 208 28.47 -30.12 8.12
CA GLU B 208 27.40 -30.95 8.70
C GLU B 208 26.14 -30.15 9.08
N PHE B 209 26.25 -28.82 9.16
CA PHE B 209 25.14 -27.97 9.55
C PHE B 209 24.40 -27.41 8.33
N SER B 210 23.73 -28.30 7.62
CA SER B 210 22.94 -27.95 6.45
C SER B 210 21.72 -27.12 6.82
N LEU B 211 21.18 -26.38 5.85
CA LEU B 211 19.93 -25.66 6.05
C LEU B 211 18.75 -26.62 6.23
N GLU B 212 18.84 -27.78 5.58
CA GLU B 212 17.81 -28.80 5.70
C GLU B 212 17.82 -29.38 7.10
N ILE B 213 19.02 -29.58 7.64
CA ILE B 213 19.20 -30.11 8.98
C ILE B 213 18.81 -29.05 10.04
N PHE B 214 19.02 -27.78 9.72
CA PHE B 214 18.55 -26.69 10.57
C PHE B 214 17.02 -26.66 10.62
N GLU B 215 16.39 -26.83 9.46
CA GLU B 215 14.92 -26.90 9.37
C GLU B 215 14.37 -28.10 10.14
N ARG B 216 15.02 -29.25 9.98
CA ARG B 216 14.66 -30.48 10.71
C ARG B 216 14.79 -30.28 12.22
N PHE B 217 15.81 -29.52 12.62
CA PHE B 217 16.03 -29.17 14.02
C PHE B 217 14.90 -28.29 14.58
N LEU B 218 14.50 -27.28 13.82
CA LEU B 218 13.41 -26.39 14.22
C LEU B 218 12.08 -27.14 14.36
N ASN B 219 11.85 -28.14 13.51
CA ASN B 219 10.63 -28.93 13.56
C ASN B 219 10.55 -29.83 14.80
N LYS B 220 11.69 -30.39 15.20
CA LYS B 220 11.76 -31.22 16.40
C LYS B 220 11.85 -30.38 17.67
N LEU B 221 12.28 -29.12 17.53
CA LEU B 221 12.35 -28.18 18.64
C LEU B 221 10.94 -27.71 19.02
N CYS B 222 10.26 -27.08 18.07
CA CYS B 222 8.91 -26.58 18.27
C CYS B 222 7.89 -27.55 17.67
N LEU B 223 7.09 -28.17 18.53
CA LEU B 223 5.94 -28.96 18.08
C LEU B 223 4.85 -27.94 17.70
N ARG B 224 4.15 -28.21 16.61
CA ARG B 224 3.17 -27.26 16.08
C ARG B 224 1.75 -27.85 16.03
N PRO B 225 1.08 -27.92 17.18
CA PRO B 225 -0.31 -28.38 17.23
C PRO B 225 -1.29 -27.39 16.58
N ASP B 226 -0.92 -26.11 16.57
CA ASP B 226 -1.72 -25.08 15.90
C ASP B 226 -1.82 -25.29 14.39
N ILE B 227 -0.72 -25.72 13.76
CA ILE B 227 -0.73 -26.01 12.33
C ILE B 227 -1.48 -27.30 12.01
N ASP B 228 -1.48 -28.24 12.96
CA ASP B 228 -2.30 -29.45 12.84
C ASP B 228 -3.79 -29.10 12.89
N LYS B 229 -4.16 -28.23 13.82
CA LYS B 229 -5.55 -27.77 13.95
C LYS B 229 -6.04 -27.14 12.64
N ILE B 230 -5.16 -26.41 11.96
CA ILE B 230 -5.51 -25.71 10.72
C ILE B 230 -5.69 -26.69 9.56
N LEU B 231 -4.82 -27.71 9.48
CA LEU B 231 -4.95 -28.75 8.45
C LEU B 231 -6.26 -29.53 8.57
N LEU B 232 -6.67 -29.83 9.80
CA LEU B 232 -7.93 -30.52 10.06
C LEU B 232 -9.14 -29.64 9.72
N GLU B 233 -9.02 -28.34 9.95
CA GLU B 233 -10.06 -27.38 9.59
C GLU B 233 -10.30 -27.36 8.08
N ILE B 234 -9.24 -27.50 7.29
CA ILE B 234 -9.33 -27.41 5.84
C ILE B 234 -9.56 -28.80 5.23
N GLY B 235 -10.72 -29.37 5.54
CA GLY B 235 -11.20 -30.61 4.93
C GLY B 235 -10.23 -31.78 4.79
N ALA B 236 -9.28 -31.91 5.71
CA ALA B 236 -8.31 -33.00 5.67
C ALA B 236 -8.26 -33.79 6.97
N LYS B 237 -9.24 -34.67 7.15
CA LYS B 237 -9.28 -35.58 8.31
C LYS B 237 -8.25 -36.69 8.12
N GLY B 238 -8.15 -37.20 6.88
CA GLY B 238 -6.96 -37.93 6.45
C GLY B 238 -5.90 -36.86 6.28
N LYS B 239 -5.21 -36.55 7.38
CA LYS B 239 -4.49 -35.28 7.53
C LYS B 239 -3.07 -35.15 6.93
N PRO B 240 -2.33 -36.27 6.79
CA PRO B 240 -0.92 -36.06 6.43
C PRO B 240 -0.69 -35.41 5.06
N TYR B 241 -1.70 -35.46 4.20
CA TYR B 241 -1.64 -34.84 2.87
C TYR B 241 -2.71 -33.76 2.69
N LEU B 242 -2.61 -33.06 1.56
CA LEU B 242 -3.56 -32.01 1.17
C LEU B 242 -3.52 -31.91 -0.34
N THR B 243 -4.66 -32.06 -1.01
CA THR B 243 -4.69 -32.10 -2.48
C THR B 243 -4.54 -30.71 -3.10
N LEU B 244 -4.28 -30.70 -4.40
CA LEU B 244 -4.14 -29.44 -5.16
C LEU B 244 -5.40 -28.60 -5.07
N GLU B 245 -6.56 -29.27 -5.21
CA GLU B 245 -7.85 -28.60 -5.15
C GLU B 245 -8.13 -28.02 -3.75
N GLN B 246 -7.86 -28.82 -2.71
CA GLN B 246 -8.01 -28.36 -1.33
C GLN B 246 -7.14 -27.14 -1.04
N LEU B 247 -5.89 -27.21 -1.49
CA LEU B 247 -4.94 -26.11 -1.35
C LEU B 247 -5.43 -24.86 -2.08
N MET B 248 -5.79 -25.04 -3.35
CA MET B 248 -6.27 -23.96 -4.20
C MET B 248 -7.53 -23.31 -3.63
N ASP B 249 -8.49 -24.14 -3.23
CA ASP B 249 -9.72 -23.67 -2.60
C ASP B 249 -9.44 -22.94 -1.29
N PHE B 250 -8.50 -23.45 -0.52
CA PHE B 250 -8.07 -22.80 0.72
C PHE B 250 -7.50 -21.41 0.45
N ILE B 251 -6.57 -21.33 -0.50
CA ILE B 251 -5.92 -20.07 -0.84
C ILE B 251 -6.93 -19.07 -1.41
N ASN B 252 -7.85 -19.55 -2.23
CA ASN B 252 -8.86 -18.67 -2.86
C ASN B 252 -9.98 -18.24 -1.91
N GLN B 253 -10.30 -19.07 -0.92
CA GLN B 253 -11.41 -18.78 0.00
C GLN B 253 -10.93 -18.17 1.32
N LYS B 254 -9.96 -18.80 1.97
CA LYS B 254 -9.52 -18.35 3.30
C LYS B 254 -8.42 -17.28 3.29
N GLN B 255 -7.41 -17.48 2.45
CA GLN B 255 -6.22 -16.61 2.43
C GLN B 255 -6.37 -15.37 1.57
N ARG B 256 -7.43 -15.31 0.76
CA ARG B 256 -7.66 -14.19 -0.14
C ARG B 256 -8.40 -13.05 0.55
N ASP B 257 -8.05 -11.82 0.19
CA ASP B 257 -8.75 -10.62 0.63
C ASP B 257 -10.06 -10.51 -0.15
N PRO B 258 -11.22 -10.65 0.54
CA PRO B 258 -12.51 -10.66 -0.16
C PRO B 258 -12.92 -9.29 -0.72
N ARG B 259 -12.30 -8.23 -0.23
CA ARG B 259 -12.60 -6.87 -0.68
C ARG B 259 -12.05 -6.61 -2.09
N LEU B 260 -11.08 -7.41 -2.53
CA LEU B 260 -10.44 -7.20 -3.82
C LEU B 260 -11.27 -7.69 -4.99
N ASN B 261 -11.13 -6.99 -6.12
CA ASN B 261 -11.82 -7.31 -7.37
C ASN B 261 -11.28 -8.61 -7.98
N GLU B 262 -12.17 -9.44 -8.51
CA GLU B 262 -11.77 -10.72 -9.11
C GLU B 262 -11.00 -10.55 -10.43
N VAL B 263 -11.16 -9.39 -11.07
CA VAL B 263 -10.50 -9.10 -12.33
C VAL B 263 -9.10 -8.50 -12.08
N LEU B 264 -9.03 -7.46 -11.26
CA LEU B 264 -7.75 -6.83 -10.91
C LEU B 264 -6.82 -7.79 -10.17
N TYR B 265 -7.39 -8.64 -9.34
CA TYR B 265 -6.64 -9.56 -8.49
C TYR B 265 -7.15 -10.98 -8.67
N PRO B 266 -6.86 -11.59 -9.85
CA PRO B 266 -7.44 -12.89 -10.18
C PRO B 266 -7.16 -13.98 -9.15
N PRO B 267 -8.07 -14.96 -9.03
CA PRO B 267 -7.84 -16.08 -8.11
C PRO B 267 -6.76 -17.02 -8.62
N LEU B 268 -6.31 -17.89 -7.73
CA LEU B 268 -5.27 -18.85 -8.03
C LEU B 268 -5.81 -19.95 -8.95
N ARG B 269 -5.12 -20.17 -10.07
CA ARG B 269 -5.44 -21.27 -11.00
C ARG B 269 -4.75 -22.56 -10.53
N PRO B 270 -5.21 -23.73 -11.03
CA PRO B 270 -4.55 -24.98 -10.64
C PRO B 270 -3.09 -25.10 -11.10
N SER B 271 -2.74 -24.44 -12.21
CA SER B 271 -1.36 -24.43 -12.69
C SER B 271 -0.43 -23.71 -11.71
N GLN B 272 -0.94 -22.63 -11.10
CA GLN B 272 -0.18 -21.88 -10.10
C GLN B 272 -0.08 -22.64 -8.77
N ALA B 273 -1.17 -23.31 -8.38
CA ALA B 273 -1.17 -24.16 -7.19
C ALA B 273 -0.11 -25.26 -7.29
N ARG B 274 0.09 -25.79 -8.50
CA ARG B 274 1.15 -26.77 -8.74
C ARG B 274 2.53 -26.18 -8.46
N LEU B 275 2.79 -24.99 -9.00
CA LEU B 275 4.08 -24.33 -8.82
C LEU B 275 4.41 -24.11 -7.33
N LEU B 276 3.38 -23.86 -6.52
CA LEU B 276 3.57 -23.71 -5.08
C LEU B 276 4.01 -25.01 -4.42
N ILE B 277 3.45 -26.13 -4.88
CA ILE B 277 3.82 -27.44 -4.36
C ILE B 277 5.27 -27.79 -4.73
N GLU B 278 5.63 -27.57 -6.00
CA GLU B 278 7.01 -27.76 -6.48
C GLU B 278 8.00 -26.98 -5.61
N LYS B 279 7.59 -25.78 -5.22
CA LYS B 279 8.44 -24.88 -4.44
C LYS B 279 8.61 -25.35 -2.99
N TYR B 280 7.51 -25.67 -2.32
CA TYR B 280 7.52 -25.89 -0.87
C TYR B 280 7.54 -27.34 -0.42
N GLU B 281 6.87 -28.23 -1.15
CA GLU B 281 6.77 -29.63 -0.74
C GLU B 281 8.13 -30.32 -0.84
N PRO B 282 8.65 -30.82 0.30
CA PRO B 282 9.94 -31.53 0.27
C PRO B 282 9.84 -33.00 -0.15
N ASN B 283 8.81 -33.71 0.32
CA ASN B 283 8.68 -35.14 0.04
C ASN B 283 8.29 -35.41 -1.40
N GLN B 284 9.12 -36.18 -2.11
CA GLN B 284 8.92 -36.49 -3.52
C GLN B 284 7.62 -37.27 -3.79
N GLN B 285 7.26 -38.17 -2.88
CA GLN B 285 6.04 -38.97 -3.03
C GLN B 285 4.78 -38.11 -3.11
N PHE B 286 4.71 -37.05 -2.32
CA PHE B 286 3.57 -36.13 -2.35
C PHE B 286 3.62 -35.20 -3.56
N LEU B 287 4.82 -34.79 -3.96
CA LEU B 287 5.00 -33.88 -5.10
C LEU B 287 4.45 -34.49 -6.39
N GLU B 288 4.87 -35.71 -6.70
CA GLU B 288 4.47 -36.37 -7.95
C GLU B 288 2.98 -36.72 -8.02
N ARG B 289 2.32 -36.83 -6.86
CA ARG B 289 0.87 -37.05 -6.80
C ARG B 289 0.06 -35.75 -6.71
N ASP B 290 0.74 -34.60 -6.85
CA ASP B 290 0.12 -33.27 -6.69
C ASP B 290 -0.60 -33.11 -5.35
N GLN B 291 0.17 -33.25 -4.27
CA GLN B 291 -0.33 -33.09 -2.91
C GLN B 291 0.66 -32.25 -2.10
N MET B 292 0.25 -31.85 -0.90
CA MET B 292 1.12 -31.09 0.00
C MET B 292 0.98 -31.62 1.43
N SER B 293 2.11 -31.96 2.04
CA SER B 293 2.15 -32.47 3.40
C SER B 293 2.24 -31.34 4.41
N MET B 294 2.17 -31.69 5.70
CA MET B 294 2.29 -30.70 6.77
C MET B 294 3.56 -29.87 6.62
N GLU B 295 4.67 -30.51 6.28
CA GLU B 295 5.95 -29.83 6.12
C GLU B 295 5.90 -28.82 4.97
N GLY B 296 5.25 -29.21 3.88
CA GLY B 296 5.04 -28.31 2.75
C GLY B 296 4.08 -27.17 3.09
N PHE B 297 3.03 -27.51 3.83
CA PHE B 297 2.01 -26.53 4.23
C PHE B 297 2.56 -25.53 5.26
N SER B 298 3.33 -26.03 6.21
CA SER B 298 3.97 -25.18 7.22
C SER B 298 4.97 -24.22 6.59
N ARG B 299 5.64 -24.68 5.52
CA ARG B 299 6.52 -23.84 4.75
C ARG B 299 5.75 -22.76 3.99
N TYR B 300 4.66 -23.14 3.34
CA TYR B 300 3.87 -22.17 2.57
C TYR B 300 3.36 -21.04 3.46
N LEU B 301 2.90 -21.37 4.67
CA LEU B 301 2.36 -20.37 5.59
C LEU B 301 3.31 -19.22 5.84
N GLY B 302 4.59 -19.53 6.01
CA GLY B 302 5.63 -18.52 6.22
C GLY B 302 6.39 -18.16 4.96
N GLY B 303 5.80 -18.44 3.80
CA GLY B 303 6.47 -18.26 2.51
C GLY B 303 6.31 -16.87 1.93
N GLU B 304 6.82 -16.70 0.72
CA GLU B 304 6.90 -15.39 0.08
C GLU B 304 5.53 -14.91 -0.44
N GLU B 305 4.63 -15.85 -0.73
CA GLU B 305 3.32 -15.52 -1.29
C GLU B 305 2.26 -15.26 -0.22
N ASN B 306 2.46 -15.82 0.98
CA ASN B 306 1.46 -15.74 2.05
C ASN B 306 1.79 -14.70 3.11
N GLY B 307 2.32 -13.56 2.71
CA GLY B 307 2.57 -12.46 3.62
C GLY B 307 1.27 -11.82 4.07
N ILE B 308 1.29 -11.21 5.25
CA ILE B 308 0.11 -10.51 5.81
C ILE B 308 -0.29 -9.29 4.97
N LEU B 309 0.68 -8.66 4.31
CA LEU B 309 0.41 -7.50 3.45
C LEU B 309 0.76 -7.75 1.99
N PRO B 310 0.08 -7.03 1.08
CA PRO B 310 0.46 -7.01 -0.32
C PRO B 310 1.60 -6.03 -0.54
N LEU B 311 2.33 -6.20 -1.64
CA LEU B 311 3.50 -5.36 -1.92
C LEU B 311 3.11 -3.93 -2.32
N GLU B 312 1.89 -3.73 -2.81
CA GLU B 312 1.41 -2.41 -3.22
C GLU B 312 1.44 -1.41 -2.07
N ALA B 313 1.03 -1.87 -0.88
CA ALA B 313 0.96 -1.02 0.31
C ALA B 313 2.32 -0.51 0.75
N LEU B 314 3.33 -1.37 0.64
CA LEU B 314 4.69 -1.03 1.03
C LEU B 314 5.39 -0.22 -0.06
N ASP B 315 5.00 -0.49 -1.31
CA ASP B 315 5.58 0.19 -2.47
C ASP B 315 5.08 1.63 -2.54
N LEU B 316 5.86 2.48 -3.20
CA LEU B 316 5.49 3.87 -3.44
C LEU B 316 4.44 3.93 -4.56
N SER B 317 3.22 3.51 -4.22
CA SER B 317 2.16 3.30 -5.21
C SER B 317 1.00 4.29 -5.10
N THR B 318 1.18 5.32 -4.28
CA THR B 318 0.14 6.34 -4.05
C THR B 318 0.27 7.47 -5.06
N ASP B 319 -0.86 8.10 -5.38
CA ASP B 319 -0.88 9.26 -6.26
C ASP B 319 -0.18 10.43 -5.56
N MET B 320 0.90 10.92 -6.17
CA MET B 320 1.69 12.00 -5.57
C MET B 320 1.50 13.34 -6.30
N THR B 321 0.46 13.43 -7.12
CA THR B 321 0.19 14.64 -7.92
C THR B 321 -0.91 15.53 -7.34
N GLN B 322 -1.44 15.17 -6.16
CA GLN B 322 -2.46 15.98 -5.49
C GLN B 322 -1.79 17.15 -4.77
N PRO B 323 -2.56 18.21 -4.46
CA PRO B 323 -1.97 19.33 -3.72
C PRO B 323 -1.35 18.90 -2.38
N LEU B 324 -0.37 19.67 -1.92
CA LEU B 324 0.40 19.37 -0.70
C LEU B 324 -0.47 19.25 0.55
N SER B 325 -1.58 19.98 0.59
CA SER B 325 -2.51 19.94 1.71
C SER B 325 -3.31 18.65 1.82
N ALA B 326 -3.24 17.82 0.78
CA ALA B 326 -4.01 16.58 0.71
C ALA B 326 -3.26 15.36 1.25
N TYR B 327 -2.16 15.57 1.96
CA TYR B 327 -1.35 14.46 2.50
C TYR B 327 -1.05 14.64 3.98
N PHE B 328 -0.96 13.52 4.70
CA PHE B 328 -0.38 13.51 6.03
C PHE B 328 1.13 13.45 5.83
N ILE B 329 1.84 14.37 6.47
CA ILE B 329 3.27 14.52 6.29
C ILE B 329 3.97 14.20 7.61
N ASN B 330 5.04 13.39 7.52
CA ASN B 330 5.79 12.98 8.69
C ASN B 330 6.57 14.16 9.26
N SER B 331 6.35 14.49 10.53
CA SER B 331 6.86 15.74 11.10
C SER B 331 7.53 15.59 12.46
N SER B 332 8.63 16.32 12.64
CA SER B 332 9.39 16.33 13.89
C SER B 332 9.15 17.63 14.66
N HIS B 333 9.23 17.53 15.99
CA HIS B 333 9.14 18.69 16.87
C HIS B 333 10.45 18.85 17.62
N ASN B 334 11.00 20.07 17.60
CA ASN B 334 12.33 20.35 18.17
C ASN B 334 13.28 19.19 17.91
N THR B 335 13.57 18.97 16.62
CA THR B 335 14.32 17.83 16.13
C THR B 335 15.65 17.65 16.88
N TYR B 336 16.37 18.76 17.02
CA TYR B 336 17.70 18.80 17.66
C TYR B 336 17.82 18.14 19.04
N LEU B 337 16.74 18.08 19.81
CA LEU B 337 16.79 17.53 21.18
C LEU B 337 16.85 15.99 21.19
N THR B 338 17.77 15.45 22.00
CA THR B 338 17.97 14.00 22.13
C THR B 338 17.23 13.38 23.32
N ALA B 339 16.87 14.21 24.30
CA ALA B 339 16.15 13.74 25.49
C ALA B 339 15.02 14.70 25.86
N GLY B 340 15.14 15.38 27.00
CA GLY B 340 14.08 16.25 27.50
C GLY B 340 14.13 17.64 26.87
N GLN B 341 13.18 18.49 27.27
CA GLN B 341 13.08 19.85 26.76
C GLN B 341 13.96 20.80 27.57
N LEU B 342 13.94 20.66 28.90
CA LEU B 342 14.63 21.59 29.80
C LEU B 342 16.14 21.34 29.85
N ALA B 343 16.53 20.08 29.98
CA ALA B 343 17.94 19.70 30.06
C ALA B 343 18.25 18.58 29.09
N GLY B 344 19.45 18.59 28.53
CA GLY B 344 19.89 17.55 27.60
C GLY B 344 20.74 18.08 26.47
N THR B 345 21.13 17.19 25.57
CA THR B 345 21.97 17.55 24.44
C THR B 345 21.13 18.03 23.26
N SER B 346 21.68 19.00 22.53
CA SER B 346 21.19 19.36 21.22
C SER B 346 22.16 18.75 20.21
N SER B 347 21.64 17.93 19.31
CA SER B 347 22.47 17.19 18.38
C SER B 347 22.20 17.60 16.93
N VAL B 348 23.26 17.67 16.14
CA VAL B 348 23.15 17.85 14.70
C VAL B 348 22.75 16.50 14.08
N GLU B 349 23.20 15.42 14.70
CA GLU B 349 22.91 14.06 14.24
C GLU B 349 21.42 13.76 14.17
N MET B 350 20.65 14.29 15.13
CA MET B 350 19.20 14.06 15.16
C MET B 350 18.52 14.49 13.86
N TYR B 351 19.02 15.54 13.22
CA TYR B 351 18.50 15.97 11.92
C TYR B 351 18.76 14.91 10.85
N ARG B 352 19.96 14.35 10.86
CA ARG B 352 20.28 13.26 9.93
C ARG B 352 19.34 12.09 10.19
N GLN B 353 19.24 11.69 11.46
CA GLN B 353 18.42 10.54 11.86
C GLN B 353 16.94 10.68 11.48
N ALA B 354 16.39 11.86 11.71
CA ALA B 354 14.98 12.12 11.37
C ALA B 354 14.74 12.04 9.86
N LEU B 355 15.58 12.73 9.08
CA LEU B 355 15.43 12.80 7.63
C LEU B 355 15.69 11.46 6.95
N LEU B 356 16.61 10.68 7.49
CA LEU B 356 16.86 9.31 7.02
C LEU B 356 15.66 8.40 7.29
N TRP B 357 14.98 8.66 8.41
CA TRP B 357 13.84 7.86 8.85
C TRP B 357 12.53 8.25 8.15
N GLY B 358 12.59 9.23 7.24
CA GLY B 358 11.45 9.59 6.41
C GLY B 358 10.70 10.84 6.87
N CYS B 359 11.23 11.53 7.88
CA CYS B 359 10.64 12.80 8.32
C CYS B 359 10.79 13.84 7.21
N ARG B 360 9.69 14.55 6.91
CA ARG B 360 9.69 15.57 5.87
C ARG B 360 9.48 16.99 6.42
N CYS B 361 9.41 17.13 7.74
CA CYS B 361 9.31 18.45 8.37
C CYS B 361 10.08 18.47 9.70
N VAL B 362 11.15 19.27 9.75
CA VAL B 362 12.00 19.35 10.92
C VAL B 362 12.04 20.79 11.46
N GLU B 363 12.15 20.92 12.78
CA GLU B 363 12.08 22.23 13.43
C GLU B 363 13.47 22.72 13.85
N LEU B 364 13.72 24.00 13.63
CA LEU B 364 14.98 24.65 13.98
C LEU B 364 14.72 25.91 14.82
N ASP B 365 15.13 25.88 16.08
CA ASP B 365 15.03 27.04 16.97
C ASP B 365 16.34 27.83 16.94
N VAL B 366 16.44 28.79 16.04
CA VAL B 366 17.69 29.52 15.81
C VAL B 366 17.80 30.72 16.76
N TRP B 367 19.00 30.95 17.28
CA TRP B 367 19.24 32.03 18.25
C TRP B 367 20.43 32.93 17.87
N LYS B 368 20.51 34.07 18.54
CA LYS B 368 21.50 35.11 18.23
C LYS B 368 22.88 34.77 18.79
N GLY B 369 23.87 34.64 17.92
CA GLY B 369 25.24 34.36 18.33
C GLY B 369 25.92 35.52 19.05
N ARG B 370 26.93 35.20 19.86
CA ARG B 370 27.60 36.19 20.71
C ARG B 370 28.66 37.01 19.95
N PRO B 371 28.97 38.24 20.45
CA PRO B 371 29.84 39.22 19.77
C PRO B 371 31.10 38.74 19.02
N PRO B 372 31.94 37.88 19.64
CA PRO B 372 33.17 37.52 18.91
C PRO B 372 32.94 36.88 17.54
N GLU B 373 32.22 35.77 17.48
CA GLU B 373 31.91 35.09 16.21
C GLU B 373 30.66 35.66 15.55
N GLU B 374 29.58 35.77 16.34
CA GLU B 374 28.24 36.10 15.83
C GLU B 374 27.76 35.07 14.82
N GLU B 375 27.91 33.80 15.19
CA GLU B 375 27.40 32.67 14.40
C GLU B 375 26.08 32.22 14.98
N PRO B 376 24.99 32.27 14.20
CA PRO B 376 23.70 31.75 14.65
C PRO B 376 23.78 30.28 15.10
N PHE B 377 23.16 29.97 16.23
CA PHE B 377 23.19 28.62 16.78
C PHE B 377 21.79 28.16 17.19
N ILE B 378 21.60 26.84 17.19
CA ILE B 378 20.32 26.24 17.53
C ILE B 378 20.34 25.71 18.96
N THR B 379 19.30 26.02 19.72
CA THR B 379 19.09 25.49 21.06
C THR B 379 17.64 25.73 21.48
N HIS B 380 17.23 25.16 22.61
CA HIS B 380 15.87 25.34 23.14
C HIS B 380 15.74 26.72 23.80
N GLY B 381 14.51 27.15 24.07
CA GLY B 381 14.24 28.44 24.71
C GLY B 381 15.13 28.79 25.89
N PHE B 382 16.37 29.17 25.60
CA PHE B 382 17.38 29.53 26.61
C PHE B 382 17.26 28.73 27.91
N THR B 383 17.22 27.40 27.78
CA THR B 383 17.11 26.48 28.92
C THR B 383 18.48 25.89 29.23
N MET B 384 18.53 24.88 30.09
CA MET B 384 19.78 24.19 30.40
C MET B 384 20.12 23.11 29.37
N THR B 385 19.90 23.42 28.10
CA THR B 385 20.25 22.52 26.99
C THR B 385 21.46 23.07 26.25
N THR B 386 22.25 22.17 25.68
CA THR B 386 23.47 22.56 24.97
C THR B 386 23.13 23.21 23.63
N GLU B 387 24.15 23.77 22.98
CA GLU B 387 23.97 24.50 21.74
C GLU B 387 24.73 23.82 20.60
N VAL B 388 24.18 23.93 19.40
CA VAL B 388 24.86 23.47 18.19
C VAL B 388 24.74 24.56 17.12
N PRO B 389 25.81 24.79 16.35
CA PRO B 389 25.81 25.85 15.35
C PRO B 389 24.84 25.56 14.20
N LEU B 390 24.27 26.62 13.64
CA LEU B 390 23.29 26.50 12.56
C LEU B 390 23.94 25.93 11.29
N ARG B 391 25.12 26.42 10.95
CA ARG B 391 25.84 25.99 9.75
C ARG B 391 25.93 24.46 9.67
N ASP B 392 26.23 23.82 10.79
CA ASP B 392 26.38 22.36 10.85
C ASP B 392 25.06 21.63 10.62
N VAL B 393 23.95 22.20 11.09
CA VAL B 393 22.62 21.60 10.94
C VAL B 393 22.14 21.66 9.49
N LEU B 394 22.23 22.84 8.88
CA LEU B 394 21.87 23.00 7.47
C LEU B 394 22.66 22.05 6.58
N GLU B 395 23.96 21.90 6.89
CA GLU B 395 24.84 21.00 6.15
C GLU B 395 24.47 19.53 6.35
N ALA B 396 23.98 19.19 7.55
CA ALA B 396 23.49 17.84 7.84
C ALA B 396 22.15 17.56 7.18
N ILE B 397 21.32 18.60 7.01
CA ILE B 397 20.02 18.47 6.34
C ILE B 397 20.20 18.20 4.84
N ALA B 398 21.05 18.99 4.20
CA ALA B 398 21.36 18.81 2.77
C ALA B 398 21.87 17.39 2.50
N GLU B 399 22.73 16.92 3.39
CA GLU B 399 23.34 15.58 3.30
C GLU B 399 22.32 14.44 3.28
N THR B 400 21.23 14.58 4.05
CA THR B 400 20.29 13.48 4.29
C THR B 400 18.86 13.69 3.80
N ALA B 401 18.52 14.90 3.37
CA ALA B 401 17.12 15.23 3.05
C ALA B 401 16.50 14.29 2.01
N PHE B 402 17.23 14.01 0.94
CA PHE B 402 16.69 13.22 -0.16
C PHE B 402 17.45 11.91 -0.37
N LYS B 403 17.81 11.29 0.74
CA LYS B 403 18.62 10.07 0.75
C LYS B 403 17.72 8.84 0.72
N THR B 404 16.65 8.87 1.51
CA THR B 404 15.65 7.79 1.55
C THR B 404 14.33 8.15 0.89
N SER B 405 14.15 9.42 0.52
CA SER B 405 12.89 9.89 -0.04
C SER B 405 13.11 11.13 -0.91
N PRO B 406 12.59 11.11 -2.16
CA PRO B 406 12.79 12.24 -3.07
C PRO B 406 11.83 13.42 -2.87
N TYR B 407 10.84 13.27 -2.00
CA TYR B 407 9.75 14.25 -1.87
C TYR B 407 10.08 15.38 -0.90
N PRO B 408 9.47 16.57 -1.08
CA PRO B 408 9.97 17.81 -0.49
C PRO B 408 10.09 17.81 1.03
N VAL B 409 11.04 18.59 1.53
CA VAL B 409 11.30 18.72 2.96
C VAL B 409 11.04 20.16 3.38
N ILE B 410 10.23 20.34 4.41
CA ILE B 410 9.88 21.66 4.92
C ILE B 410 10.71 21.97 6.15
N LEU B 411 11.38 23.12 6.15
CA LEU B 411 12.17 23.57 7.29
C LEU B 411 11.34 24.51 8.16
N SER B 412 10.94 24.03 9.33
CA SER B 412 10.09 24.79 10.24
C SER B 412 10.93 25.64 11.19
N PHE B 413 11.22 26.87 10.78
CA PHE B 413 12.02 27.77 11.59
C PHE B 413 11.21 28.35 12.74
N GLU B 414 11.78 28.29 13.94
CA GLU B 414 11.32 29.11 15.05
C GLU B 414 12.39 30.18 15.22
N ASN B 415 12.38 31.16 14.30
CA ASN B 415 13.42 32.16 14.21
C ASN B 415 13.37 33.19 15.33
N HIS B 416 14.42 33.18 16.15
CA HIS B 416 14.69 34.30 17.03
C HIS B 416 15.73 35.12 16.26
N VAL B 417 16.93 35.38 16.79
CA VAL B 417 17.92 36.18 16.04
C VAL B 417 17.34 37.55 15.65
N ASP B 418 17.57 38.56 16.48
CA ASP B 418 17.02 39.89 16.22
C ASP B 418 18.12 40.85 15.73
N SER B 419 18.83 40.42 14.69
CA SER B 419 19.87 41.24 14.06
C SER B 419 19.92 41.00 12.56
N ALA B 420 19.83 42.08 11.78
CA ALA B 420 19.80 42.02 10.32
C ALA B 420 21.00 41.29 9.73
N LYS B 421 22.18 41.51 10.31
CA LYS B 421 23.41 40.92 9.79
C LYS B 421 23.42 39.40 9.91
N GLN B 422 23.05 38.88 11.09
CA GLN B 422 22.96 37.42 11.29
C GLN B 422 21.77 36.81 10.55
N GLN B 423 20.75 37.62 10.27
CA GLN B 423 19.59 37.20 9.49
C GLN B 423 19.98 36.97 8.02
N ALA B 424 20.82 37.87 7.50
CA ALA B 424 21.31 37.77 6.12
C ALA B 424 22.32 36.64 5.96
N LYS B 425 23.09 36.38 7.03
CA LYS B 425 24.00 35.23 7.07
C LYS B 425 23.27 33.92 6.88
N MET B 426 22.21 33.71 7.67
CA MET B 426 21.49 32.44 7.63
C MET B 426 20.72 32.24 6.33
N ALA B 427 20.26 33.35 5.73
CA ALA B 427 19.64 33.30 4.41
C ALA B 427 20.66 32.97 3.32
N GLU B 428 21.85 33.56 3.45
CA GLU B 428 22.98 33.26 2.56
C GLU B 428 23.41 31.79 2.72
N TYR B 429 23.42 31.31 3.96
CA TYR B 429 23.79 29.92 4.26
C TYR B 429 22.84 28.95 3.57
N CYS B 430 21.54 29.21 3.66
CA CYS B 430 20.53 28.40 2.99
C CYS B 430 20.77 28.36 1.48
N ARG B 431 21.02 29.53 0.89
CA ARG B 431 21.23 29.64 -0.56
C ARG B 431 22.42 28.81 -1.05
N SER B 432 23.55 28.96 -0.37
CA SER B 432 24.80 28.31 -0.82
C SER B 432 24.85 26.82 -0.48
N ILE B 433 24.29 26.43 0.67
CA ILE B 433 24.33 25.04 1.12
C ILE B 433 23.35 24.14 0.35
N PHE B 434 22.15 24.66 0.05
CA PHE B 434 21.12 23.88 -0.64
C PHE B 434 21.18 24.03 -2.17
N GLY B 435 21.59 25.20 -2.65
CA GLY B 435 21.74 25.42 -4.09
C GLY B 435 20.41 25.49 -4.82
N ASP B 436 20.26 24.66 -5.86
CA ASP B 436 19.02 24.59 -6.64
C ASP B 436 17.87 23.96 -5.87
N ALA B 437 18.19 23.09 -4.91
CA ALA B 437 17.17 22.41 -4.11
C ALA B 437 16.31 23.37 -3.29
N LEU B 438 16.89 24.48 -2.87
CA LEU B 438 16.14 25.51 -2.14
C LEU B 438 15.12 26.16 -3.06
N LEU B 439 13.86 26.17 -2.66
CA LEU B 439 12.81 26.86 -3.40
C LEU B 439 12.70 28.30 -2.89
N ILE B 440 13.10 29.26 -3.73
CA ILE B 440 13.17 30.67 -3.34
C ILE B 440 12.08 31.54 -3.97
N GLU B 441 11.77 31.30 -5.24
CA GLU B 441 10.64 31.94 -5.91
C GLU B 441 9.59 30.91 -6.36
N PRO B 442 8.31 31.31 -6.46
CA PRO B 442 7.24 30.38 -6.83
C PRO B 442 7.38 29.74 -8.21
N LEU B 443 6.69 28.63 -8.41
CA LEU B 443 6.64 27.96 -9.71
C LEU B 443 5.69 28.69 -10.64
N ASP B 444 5.90 28.54 -11.96
CA ASP B 444 5.07 29.20 -12.98
C ASP B 444 3.62 28.74 -12.93
N LYS B 445 3.43 27.44 -12.71
CA LYS B 445 2.08 26.84 -12.68
C LYS B 445 1.27 27.24 -11.45
N TYR B 446 1.96 27.57 -10.35
CA TYR B 446 1.29 27.88 -9.09
C TYR B 446 1.70 29.25 -8.52
N PRO B 447 1.06 30.33 -9.03
CA PRO B 447 1.36 31.66 -8.48
C PRO B 447 0.81 31.84 -7.06
N LEU B 448 1.43 32.74 -6.29
CA LEU B 448 0.98 33.04 -4.94
C LEU B 448 -0.21 33.99 -4.98
N ALA B 449 -1.37 33.44 -5.32
CA ALA B 449 -2.58 34.23 -5.51
C ALA B 449 -3.77 33.54 -4.83
N PRO B 450 -4.89 34.28 -4.68
CA PRO B 450 -6.12 33.64 -4.21
C PRO B 450 -6.65 32.60 -5.18
N GLY B 451 -7.22 31.52 -4.64
CA GLY B 451 -7.86 30.47 -5.45
C GLY B 451 -6.92 29.47 -6.09
N VAL B 452 -5.62 29.64 -5.89
CA VAL B 452 -4.61 28.76 -6.49
C VAL B 452 -4.25 27.68 -5.47
N PRO B 453 -4.35 26.40 -5.86
CA PRO B 453 -4.07 25.33 -4.91
C PRO B 453 -2.57 25.17 -4.65
N LEU B 454 -2.24 24.44 -3.59
CA LEU B 454 -0.85 24.19 -3.22
C LEU B 454 -0.25 23.20 -4.23
N PRO B 455 1.03 23.36 -4.60
CA PRO B 455 1.66 22.40 -5.52
C PRO B 455 1.75 20.99 -4.94
N SER B 456 1.93 19.99 -5.82
CA SER B 456 1.99 18.60 -5.39
C SER B 456 3.40 18.20 -4.95
N PRO B 457 3.51 17.15 -4.12
CA PRO B 457 4.83 16.59 -3.81
C PRO B 457 5.62 16.22 -5.05
N GLN B 458 4.91 15.74 -6.08
CA GLN B 458 5.49 15.45 -7.40
C GLN B 458 6.17 16.69 -7.96
N ASP B 459 5.46 17.82 -7.93
CA ASP B 459 5.97 19.08 -8.47
C ASP B 459 7.15 19.64 -7.68
N LEU B 460 7.34 19.17 -6.45
CA LEU B 460 8.38 19.67 -5.56
C LEU B 460 9.37 18.58 -5.13
N MET B 461 9.61 17.60 -6.00
CA MET B 461 10.57 16.54 -5.70
C MET B 461 11.97 17.12 -5.61
N GLY B 462 12.68 16.78 -4.52
CA GLY B 462 14.03 17.25 -4.28
C GLY B 462 14.10 18.74 -3.98
N ARG B 463 13.14 19.26 -3.23
CA ARG B 463 13.08 20.69 -2.91
C ARG B 463 13.01 20.96 -1.41
N ILE B 464 13.70 22.01 -0.98
CA ILE B 464 13.68 22.48 0.39
C ILE B 464 12.82 23.73 0.48
N LEU B 465 11.71 23.65 1.22
CA LEU B 465 10.80 24.77 1.40
C LEU B 465 10.97 25.34 2.80
N VAL B 466 11.26 26.64 2.91
CA VAL B 466 11.46 27.27 4.22
C VAL B 466 10.13 27.82 4.76
N LYS B 467 9.95 27.68 6.07
CA LYS B 467 8.75 28.16 6.75
C LYS B 467 9.17 29.13 7.86
N ASN B 468 9.00 30.42 7.59
CA ASN B 468 9.43 31.49 8.47
C ASN B 468 8.50 32.68 8.31
N LYS B 469 8.34 33.48 9.37
CA LYS B 469 7.47 34.65 9.31
C LYS B 469 7.99 35.68 8.31
N LYS B 470 7.16 36.69 8.03
CA LYS B 470 7.53 37.80 7.13
C LYS B 470 7.14 39.15 7.75
N ARG B 471 7.79 40.21 7.29
CA ARG B 471 7.67 41.55 7.86
C ARG B 471 8.12 41.62 9.32
N SER B 484 8.38 34.82 22.33
CA SER B 484 7.82 34.50 21.03
C SER B 484 8.84 34.75 19.92
N GLU B 485 8.48 34.42 18.68
CA GLU B 485 9.37 34.56 17.52
C GLU B 485 9.68 36.03 17.20
N VAL B 486 10.75 36.23 16.43
CA VAL B 486 11.21 37.56 16.03
C VAL B 486 10.84 37.83 14.57
N ASN B 487 10.65 39.11 14.23
CA ASN B 487 10.34 39.52 12.85
C ASN B 487 11.44 39.17 11.85
N ALA B 488 11.05 39.12 10.58
CA ALA B 488 11.96 38.75 9.49
C ALA B 488 12.52 39.99 8.78
N THR B 489 13.48 39.76 7.88
CA THR B 489 14.08 40.81 7.08
C THR B 489 13.80 40.56 5.59
N GLU B 490 14.43 41.36 4.73
CA GLU B 490 14.32 41.20 3.28
C GLU B 490 14.92 39.88 2.80
N GLU B 491 15.96 39.41 3.47
CA GLU B 491 16.69 38.20 3.06
C GLU B 491 16.02 36.90 3.48
N MET B 492 15.44 36.86 4.69
CA MET B 492 14.82 35.63 5.20
C MET B 492 13.36 35.46 4.77
N SER B 493 12.65 36.56 4.61
CA SER B 493 11.24 36.50 4.20
C SER B 493 11.10 36.20 2.70
N THR B 494 12.10 36.59 1.90
CA THR B 494 12.05 36.38 0.45
C THR B 494 12.25 34.91 0.05
N LEU B 495 12.72 34.08 0.97
CA LEU B 495 12.84 32.64 0.74
C LEU B 495 11.50 31.92 0.98
N VAL B 496 10.62 32.55 1.75
CA VAL B 496 9.32 31.97 2.07
C VAL B 496 8.38 32.20 0.89
N ASN B 497 7.53 31.22 0.59
CA ASN B 497 6.56 31.33 -0.49
C ASN B 497 5.29 30.52 -0.24
N TYR B 498 5.34 29.20 -0.45
CA TYR B 498 4.15 28.35 -0.37
C TYR B 498 3.79 27.98 1.06
N ILE B 499 4.71 28.19 1.99
CA ILE B 499 4.47 27.84 3.40
C ILE B 499 4.77 29.05 4.29
N GLU B 500 3.86 30.01 4.26
CA GLU B 500 3.96 31.21 5.09
C GLU B 500 3.12 31.04 6.34
N PRO B 501 3.76 31.07 7.53
CA PRO B 501 3.01 30.97 8.77
C PRO B 501 2.32 32.28 9.14
N VAL B 502 1.06 32.20 9.55
CA VAL B 502 0.30 33.38 9.98
C VAL B 502 -0.52 33.05 11.22
N LYS B 503 -0.76 34.07 12.05
CA LYS B 503 -1.58 33.92 13.24
C LYS B 503 -3.00 33.57 12.84
N PHE B 504 -3.52 32.48 13.39
CA PHE B 504 -4.84 31.98 13.04
C PHE B 504 -5.94 32.80 13.71
N LYS B 505 -6.75 33.48 12.88
CA LYS B 505 -7.94 34.17 13.38
C LYS B 505 -9.08 33.18 13.57
N SER B 506 -9.58 32.63 12.47
CA SER B 506 -10.68 31.68 12.50
C SER B 506 -10.79 30.96 11.17
N PHE B 507 -11.63 29.92 11.13
CA PHE B 507 -11.90 29.20 9.89
C PHE B 507 -12.75 30.04 8.95
N GLU B 508 -13.55 30.95 9.51
CA GLU B 508 -14.31 31.91 8.72
C GLU B 508 -13.36 32.79 7.91
N ALA B 509 -12.35 33.32 8.60
CA ALA B 509 -11.37 34.22 7.98
C ALA B 509 -10.53 33.52 6.92
N ALA B 510 -10.09 32.30 7.22
CA ALA B 510 -9.29 31.51 6.27
C ALA B 510 -10.05 31.22 4.98
N ARG B 511 -11.33 30.88 5.12
CA ARG B 511 -12.21 30.62 3.98
C ARG B 511 -12.49 31.90 3.18
N LYS B 512 -12.68 33.01 3.88
CA LYS B 512 -12.88 34.33 3.27
C LYS B 512 -11.69 34.76 2.39
N ARG B 513 -10.48 34.54 2.89
CA ARG B 513 -9.26 34.95 2.19
C ARG B 513 -8.95 34.10 0.96
N ASN B 514 -9.16 32.79 1.08
CA ASN B 514 -8.97 31.85 -0.02
C ASN B 514 -7.50 31.80 -0.50
N LYS B 515 -6.59 31.61 0.44
CA LYS B 515 -5.15 31.54 0.15
C LYS B 515 -4.55 30.25 0.67
N CYS B 516 -4.09 29.41 -0.25
CA CYS B 516 -3.53 28.10 0.10
C CYS B 516 -2.08 28.18 0.62
N PHE B 517 -1.39 29.26 0.27
CA PHE B 517 0.02 29.41 0.66
C PHE B 517 0.21 29.90 2.10
N GLU B 518 -0.87 30.36 2.73
CA GLU B 518 -0.84 30.71 4.15
C GLU B 518 -1.13 29.48 4.99
N MET B 519 -0.44 29.35 6.12
CA MET B 519 -0.67 28.26 7.05
C MET B 519 -0.52 28.73 8.50
N SER B 520 -1.03 27.94 9.43
CA SER B 520 -0.95 28.26 10.85
C SER B 520 -0.54 27.05 11.66
N SER B 521 0.17 27.29 12.76
CA SER B 521 0.54 26.23 13.70
C SER B 521 -0.39 26.27 14.90
N PHE B 522 -0.58 25.11 15.54
CA PHE B 522 -1.44 25.00 16.71
C PHE B 522 -0.75 24.20 17.80
N VAL B 523 -0.64 24.79 18.99
CA VAL B 523 -0.21 24.04 20.16
C VAL B 523 -1.26 22.99 20.47
N GLU B 524 -0.82 21.87 21.04
CA GLU B 524 -1.68 20.71 21.30
C GLU B 524 -3.09 21.05 21.83
N THR B 525 -3.16 21.83 22.90
CA THR B 525 -4.44 22.10 23.56
C THR B 525 -5.34 23.04 22.78
N LYS B 526 -4.76 23.92 21.97
CA LYS B 526 -5.54 24.79 21.08
C LYS B 526 -6.06 23.97 19.90
N ALA B 527 -5.27 23.02 19.43
CA ALA B 527 -5.69 22.08 18.38
C ALA B 527 -6.80 21.17 18.89
N MET B 528 -6.71 20.78 20.16
CA MET B 528 -7.75 19.98 20.81
C MET B 528 -9.06 20.75 20.88
N GLU B 529 -8.96 22.05 21.17
CA GLU B 529 -10.12 22.95 21.23
C GLU B 529 -10.84 23.01 19.88
N GLN B 530 -10.11 23.31 18.82
CA GLN B 530 -10.69 23.41 17.48
C GLN B 530 -11.26 22.05 17.04
N LEU B 531 -10.62 20.97 17.46
CA LEU B 531 -11.07 19.62 17.15
C LEU B 531 -12.46 19.33 17.72
N THR B 532 -12.64 19.60 19.01
CA THR B 532 -13.91 19.29 19.69
C THR B 532 -15.04 20.26 19.35
N LYS B 533 -14.69 21.52 19.02
CA LYS B 533 -15.68 22.57 18.80
C LYS B 533 -16.02 22.85 17.34
N SER B 534 -15.03 22.74 16.46
CA SER B 534 -15.23 22.99 15.02
C SER B 534 -14.55 21.93 14.16
N PRO B 535 -14.88 20.65 14.38
CA PRO B 535 -14.21 19.56 13.66
C PRO B 535 -14.37 19.63 12.14
N MET B 536 -15.57 19.94 11.66
CA MET B 536 -15.86 19.93 10.23
C MET B 536 -15.24 21.12 9.49
N GLU B 537 -15.24 22.29 10.13
CA GLU B 537 -14.54 23.46 9.58
C GLU B 537 -13.03 23.17 9.46
N PHE B 538 -12.51 22.40 10.41
CA PHE B 538 -11.09 22.03 10.43
C PHE B 538 -10.75 21.13 9.23
N VAL B 539 -11.59 20.14 8.96
CA VAL B 539 -11.38 19.24 7.82
C VAL B 539 -11.48 20.04 6.51
N GLU B 540 -12.45 20.95 6.44
CA GLU B 540 -12.60 21.83 5.28
C GLU B 540 -11.42 22.78 5.13
N TYR B 541 -10.87 23.24 6.24
CA TYR B 541 -9.68 24.08 6.21
C TYR B 541 -8.48 23.31 5.65
N ASN B 542 -8.30 22.08 6.13
CA ASN B 542 -7.16 21.25 5.73
C ASN B 542 -7.25 20.68 4.31
N LYS B 543 -8.38 20.86 3.64
CA LYS B 543 -8.50 20.51 2.22
C LYS B 543 -7.69 21.47 1.35
N GLN B 544 -7.62 22.72 1.77
CA GLN B 544 -7.02 23.78 0.98
C GLN B 544 -5.63 24.20 1.51
N GLN B 545 -5.54 24.39 2.82
CA GLN B 545 -4.31 24.89 3.46
C GLN B 545 -3.71 23.87 4.41
N LEU B 546 -2.55 24.21 4.98
CA LEU B 546 -1.85 23.33 5.92
C LEU B 546 -2.06 23.76 7.37
N SER B 547 -2.01 22.78 8.26
CA SER B 547 -1.95 23.03 9.70
C SER B 547 -0.86 22.17 10.33
N ARG B 548 0.02 22.81 11.11
CA ARG B 548 1.04 22.11 11.88
C ARG B 548 0.63 22.06 13.34
N ILE B 549 0.93 20.94 13.99
CA ILE B 549 0.61 20.78 15.41
C ILE B 549 1.84 20.30 16.17
N TYR B 550 2.05 20.88 17.35
CA TYR B 550 3.19 20.54 18.20
C TYR B 550 2.73 20.36 19.64
N PRO B 551 3.54 19.70 20.49
CA PRO B 551 3.12 19.48 21.87
C PRO B 551 3.22 20.72 22.75
N LYS B 552 2.49 20.72 23.86
CA LYS B 552 2.53 21.81 24.82
C LYS B 552 3.82 21.80 25.64
N GLY B 553 4.05 22.88 26.38
CA GLY B 553 5.26 23.03 27.21
C GLY B 553 5.32 22.05 28.37
N THR B 554 4.16 21.74 28.95
CA THR B 554 4.06 20.78 30.06
C THR B 554 4.85 19.49 29.83
N ARG B 555 4.88 19.01 28.59
CA ARG B 555 5.61 17.78 28.24
C ARG B 555 7.12 18.00 28.24
N VAL B 556 7.66 18.24 29.43
CA VAL B 556 9.07 18.60 29.61
C VAL B 556 10.00 17.39 29.45
N ASP B 557 9.48 16.20 29.72
CA ASP B 557 10.22 14.95 29.48
C ASP B 557 10.02 14.43 28.06
N SER B 558 9.57 15.30 27.15
CA SER B 558 9.41 14.99 25.72
C SER B 558 8.39 13.88 25.44
N SER B 559 7.26 13.93 26.14
CA SER B 559 6.13 13.04 25.87
C SER B 559 5.45 13.45 24.57
N ASN B 560 4.78 12.48 23.94
CA ASN B 560 4.06 12.73 22.69
C ASN B 560 2.57 12.54 22.86
N TYR B 561 1.81 13.39 22.16
CA TYR B 561 0.36 13.25 22.09
C TYR B 561 0.05 12.27 20.96
N MET B 562 -1.08 11.57 21.07
CA MET B 562 -1.53 10.66 20.02
C MET B 562 -1.77 11.46 18.75
N PRO B 563 -0.95 11.24 17.69
CA PRO B 563 -1.11 12.00 16.46
C PRO B 563 -2.42 11.71 15.73
N GLN B 564 -2.94 10.50 15.89
CA GLN B 564 -4.21 10.11 15.28
C GLN B 564 -5.33 11.12 15.56
N LEU B 565 -5.30 11.74 16.74
CA LEU B 565 -6.30 12.75 17.11
C LEU B 565 -6.53 13.83 16.05
N PHE B 566 -5.44 14.26 15.40
CA PHE B 566 -5.49 15.39 14.47
C PHE B 566 -5.43 14.98 12.99
N TRP B 567 -4.90 13.80 12.71
CA TRP B 567 -5.06 13.19 11.39
C TRP B 567 -6.56 13.00 11.09
N ASN B 568 -7.36 12.75 12.14
CA ASN B 568 -8.80 12.60 12.01
C ASN B 568 -9.51 13.86 11.48
N VAL B 569 -8.93 15.03 11.71
CA VAL B 569 -9.45 16.29 11.16
C VAL B 569 -8.58 16.83 10.03
N GLY B 570 -7.75 15.96 9.45
CA GLY B 570 -7.02 16.28 8.23
C GLY B 570 -5.70 17.01 8.39
N CYS B 571 -5.25 17.19 9.64
CA CYS B 571 -4.00 17.92 9.88
C CYS B 571 -2.83 17.19 9.27
N GLN B 572 -2.00 17.93 8.54
CA GLN B 572 -0.97 17.35 7.68
C GLN B 572 0.34 17.20 8.43
N LEU B 573 0.76 18.27 9.11
CA LEU B 573 2.06 18.32 9.76
C LEU B 573 1.94 18.13 11.28
N VAL B 574 1.58 16.92 11.67
CA VAL B 574 1.44 16.57 13.09
C VAL B 574 2.82 16.24 13.66
N ALA B 575 3.43 17.23 14.31
CA ALA B 575 4.83 17.12 14.77
C ALA B 575 4.96 16.38 16.10
N LEU B 576 5.96 15.52 16.20
CA LEU B 576 6.21 14.73 17.40
C LEU B 576 7.69 14.70 17.76
N ASN B 577 7.99 14.39 19.01
CA ASN B 577 9.36 14.22 19.50
C ASN B 577 9.93 12.86 19.12
N PHE B 578 10.77 12.83 18.09
CA PHE B 578 11.32 11.58 17.55
C PHE B 578 12.23 10.82 18.53
N GLN B 579 12.83 11.55 19.47
CA GLN B 579 13.68 10.92 20.49
C GLN B 579 12.89 10.00 21.43
N THR B 580 11.61 10.29 21.63
CA THR B 580 10.76 9.49 22.51
C THR B 580 9.91 8.49 21.72
N LEU B 581 10.21 7.21 21.91
CA LEU B 581 9.50 6.13 21.21
C LEU B 581 8.42 5.50 22.07
N ASP B 582 7.43 6.31 22.44
CA ASP B 582 6.21 5.82 23.09
C ASP B 582 5.28 5.25 22.01
N VAL B 583 4.06 4.90 22.38
CA VAL B 583 3.09 4.37 21.40
C VAL B 583 2.81 5.38 20.28
N ALA B 584 2.75 6.66 20.62
CA ALA B 584 2.50 7.72 19.65
C ALA B 584 3.50 7.71 18.50
N MET B 585 4.79 7.61 18.83
CA MET B 585 5.86 7.56 17.83
C MET B 585 5.92 6.22 17.12
N GLN B 586 5.63 5.13 17.83
CA GLN B 586 5.56 3.80 17.24
C GLN B 586 4.54 3.76 16.12
N LEU B 587 3.37 4.36 16.37
CA LEU B 587 2.33 4.48 15.36
C LEU B 587 2.82 5.32 14.19
N ASN B 588 3.43 6.47 14.50
CA ASN B 588 3.93 7.37 13.46
C ASN B 588 4.96 6.70 12.55
N ALA B 589 5.91 5.99 13.13
CA ALA B 589 6.92 5.28 12.36
C ALA B 589 6.31 4.12 11.55
N GLY B 590 5.27 3.51 12.12
CA GLY B 590 4.56 2.40 11.47
C GLY B 590 3.80 2.81 10.22
N VAL B 591 2.95 3.83 10.35
CA VAL B 591 2.13 4.28 9.21
C VAL B 591 2.95 4.90 8.08
N PHE B 592 4.02 5.60 8.43
CA PHE B 592 4.85 6.27 7.42
C PHE B 592 5.84 5.33 6.72
N GLU B 593 5.93 4.08 7.15
CA GLU B 593 6.68 3.06 6.41
C GLU B 593 6.05 2.82 5.04
N TYR B 594 4.72 2.92 4.99
CA TYR B 594 3.96 2.64 3.79
C TYR B 594 4.07 3.79 2.78
N ASN B 595 3.62 3.53 1.56
CA ASN B 595 3.92 4.40 0.42
C ASN B 595 5.42 4.63 0.28
N GLY B 596 6.16 3.52 0.26
CA GLY B 596 7.60 3.53 0.01
C GLY B 596 8.44 4.40 0.91
N ARG B 597 8.02 4.55 2.17
CA ARG B 597 8.72 5.39 3.15
C ARG B 597 8.96 6.81 2.62
N SER B 598 8.02 7.30 1.81
CA SER B 598 8.17 8.59 1.15
C SER B 598 8.03 9.76 2.13
N GLY B 599 7.30 9.53 3.21
CA GLY B 599 7.02 10.57 4.20
C GLY B 599 5.71 11.29 3.97
N TYR B 600 5.02 10.96 2.87
CA TYR B 600 3.72 11.53 2.52
C TYR B 600 2.70 10.41 2.39
N LEU B 601 1.58 10.55 3.10
CA LEU B 601 0.46 9.61 2.98
C LEU B 601 -0.77 10.36 2.50
N LEU B 602 -1.40 9.85 1.45
CA LEU B 602 -2.57 10.52 0.86
C LEU B 602 -3.78 10.33 1.76
N LYS B 603 -4.47 11.44 2.06
CA LYS B 603 -5.64 11.42 2.93
C LYS B 603 -6.85 10.77 2.23
N PRO B 604 -7.85 10.34 3.02
CA PRO B 604 -9.08 9.76 2.44
C PRO B 604 -9.77 10.69 1.46
N GLU B 605 -10.44 10.11 0.46
CA GLU B 605 -11.09 10.89 -0.60
C GLU B 605 -11.98 11.99 -0.07
N PHE B 606 -12.77 11.68 0.96
CA PHE B 606 -13.75 12.62 1.50
C PHE B 606 -13.13 13.73 2.35
N MET B 607 -11.89 13.53 2.81
CA MET B 607 -11.15 14.58 3.51
C MET B 607 -10.33 15.45 2.55
N ARG B 608 -10.39 15.15 1.26
CA ARG B 608 -9.70 15.92 0.23
C ARG B 608 -10.65 16.66 -0.73
N ARG B 609 -11.82 16.06 -0.98
CA ARG B 609 -12.78 16.63 -1.94
C ARG B 609 -13.53 17.84 -1.39
N PRO B 610 -13.61 18.93 -2.18
CA PRO B 610 -14.30 20.13 -1.69
C PRO B 610 -15.83 20.00 -1.69
N ASP B 611 -16.36 19.07 -2.48
CA ASP B 611 -17.80 18.89 -2.62
C ASP B 611 -18.38 17.82 -1.67
N LYS B 612 -17.53 17.30 -0.79
CA LYS B 612 -17.96 16.29 0.18
C LYS B 612 -17.74 16.82 1.59
N SER B 613 -18.39 16.19 2.57
CA SER B 613 -18.28 16.59 3.96
C SER B 613 -18.90 15.56 4.89
N PHE B 614 -18.11 15.05 5.83
CA PHE B 614 -18.60 14.14 6.86
C PHE B 614 -18.11 14.57 8.24
N ASP B 615 -18.81 14.10 9.27
CA ASP B 615 -18.46 14.40 10.65
C ASP B 615 -17.42 13.38 11.14
N PRO B 616 -16.25 13.86 11.60
CA PRO B 616 -15.23 12.96 12.17
C PRO B 616 -15.71 12.15 13.38
N PHE B 617 -16.77 12.60 14.02
CA PHE B 617 -17.34 11.92 15.20
C PHE B 617 -18.54 11.02 14.90
N THR B 618 -18.82 10.76 13.63
CA THR B 618 -19.89 9.82 13.27
C THR B 618 -19.73 8.52 14.04
N GLU B 619 -20.83 8.04 14.61
CA GLU B 619 -20.89 6.71 15.20
C GLU B 619 -21.54 5.76 14.19
N VAL B 620 -21.98 6.33 13.07
CA VAL B 620 -22.70 5.61 12.03
C VAL B 620 -21.90 5.70 10.73
N ILE B 621 -22.09 4.73 9.85
CA ILE B 621 -21.38 4.71 8.56
C ILE B 621 -21.77 5.90 7.69
N VAL B 622 -20.81 6.38 6.90
CA VAL B 622 -21.01 7.50 5.99
C VAL B 622 -21.35 6.99 4.60
N ASP B 623 -22.31 7.64 3.95
CA ASP B 623 -22.69 7.26 2.59
C ASP B 623 -21.61 7.69 1.61
N GLY B 624 -21.27 6.78 0.70
CA GLY B 624 -20.18 7.00 -0.25
C GLY B 624 -18.88 6.33 0.18
N ILE B 625 -18.75 6.06 1.48
CA ILE B 625 -17.56 5.42 2.04
C ILE B 625 -17.86 3.99 2.40
N VAL B 626 -17.15 3.06 1.77
CA VAL B 626 -17.30 1.64 2.06
C VAL B 626 -16.63 1.33 3.39
N ALA B 627 -17.44 0.99 4.39
CA ALA B 627 -16.94 0.59 5.70
C ALA B 627 -16.44 -0.84 5.65
N ASN B 628 -15.69 -1.24 6.68
CA ASN B 628 -15.16 -2.59 6.78
C ASN B 628 -15.48 -3.22 8.15
N ALA B 629 -15.30 -4.53 8.23
CA ALA B 629 -15.35 -5.26 9.49
C ALA B 629 -14.10 -6.14 9.59
N LEU B 630 -13.51 -6.22 10.79
CA LEU B 630 -12.26 -6.95 10.99
C LEU B 630 -12.36 -7.97 12.11
N ARG B 631 -11.78 -9.15 11.85
CA ARG B 631 -11.71 -10.23 12.82
C ARG B 631 -10.23 -10.54 13.03
N VAL B 632 -9.76 -10.47 14.28
CA VAL B 632 -8.37 -10.79 14.60
C VAL B 632 -8.33 -11.84 15.70
N LYS B 633 -7.87 -13.03 15.35
CA LYS B 633 -7.68 -14.12 16.29
C LYS B 633 -6.19 -14.40 16.41
N VAL B 634 -5.68 -14.33 17.64
CA VAL B 634 -4.27 -14.61 17.91
C VAL B 634 -4.11 -16.10 18.19
N ILE B 635 -3.44 -16.80 17.27
CA ILE B 635 -3.32 -18.26 17.32
C ILE B 635 -2.11 -18.69 18.17
N SER B 636 -0.93 -18.23 17.80
CA SER B 636 0.31 -18.67 18.45
C SER B 636 1.46 -17.70 18.20
N GLY B 637 2.59 -17.95 18.87
CA GLY B 637 3.82 -17.17 18.67
C GLY B 637 5.05 -18.03 18.72
N GLN B 638 6.20 -17.48 18.30
CA GLN B 638 7.47 -18.23 18.32
C GLN B 638 8.67 -17.38 18.72
N PHE B 639 9.53 -17.95 19.55
CA PHE B 639 10.81 -17.36 19.94
C PHE B 639 10.64 -15.91 20.37
N LEU B 640 9.65 -15.70 21.23
CA LEU B 640 9.22 -14.35 21.59
C LEU B 640 10.13 -13.74 22.65
N SER B 641 10.63 -14.58 23.56
CA SER B 641 11.56 -14.13 24.59
C SER B 641 12.78 -15.04 24.60
N ASP B 642 13.87 -14.52 25.16
CA ASP B 642 15.10 -15.29 25.33
C ASP B 642 15.15 -16.03 26.67
N ARG B 643 14.08 -15.90 27.46
CA ARG B 643 13.95 -16.62 28.73
C ARG B 643 12.52 -17.10 28.94
N LYS B 644 12.32 -17.99 29.91
CA LYS B 644 11.00 -18.55 30.20
C LYS B 644 10.12 -17.56 30.95
N VAL B 645 9.17 -16.98 30.24
CA VAL B 645 8.26 -16.01 30.82
C VAL B 645 6.94 -16.04 30.06
N GLY B 646 5.85 -15.72 30.76
CA GLY B 646 4.53 -15.65 30.15
C GLY B 646 4.42 -14.45 29.24
N ILE B 647 3.63 -14.59 28.19
CA ILE B 647 3.49 -13.54 27.18
C ILE B 647 2.01 -13.31 26.83
N TYR B 648 1.65 -12.04 26.68
CA TYR B 648 0.32 -11.65 26.21
C TYR B 648 0.45 -10.70 25.03
N VAL B 649 -0.62 -10.58 24.25
CA VAL B 649 -0.61 -9.78 23.02
C VAL B 649 -1.78 -8.81 23.02
N GLU B 650 -1.50 -7.53 22.80
CA GLU B 650 -2.54 -6.51 22.67
C GLU B 650 -2.90 -6.31 21.21
N VAL B 651 -4.19 -6.21 20.94
CA VAL B 651 -4.69 -5.89 19.60
C VAL B 651 -5.51 -4.61 19.67
N ASP B 652 -4.94 -3.52 19.18
CA ASP B 652 -5.60 -2.23 19.18
C ASP B 652 -5.92 -1.79 17.76
N MET B 653 -6.81 -0.82 17.62
CA MET B 653 -7.06 -0.16 16.34
C MET B 653 -7.06 1.35 16.54
N PHE B 654 -6.40 2.06 15.63
CA PHE B 654 -6.37 3.51 15.65
C PHE B 654 -7.08 4.02 14.41
N GLY B 655 -7.73 5.18 14.53
CA GLY B 655 -8.48 5.79 13.43
C GLY B 655 -9.41 6.84 13.96
N LEU B 656 -10.59 6.97 13.36
CA LEU B 656 -11.62 7.86 13.89
C LEU B 656 -12.03 7.38 15.28
N PRO B 657 -12.53 8.29 16.13
CA PRO B 657 -12.95 7.90 17.48
C PRO B 657 -13.89 6.69 17.54
N VAL B 658 -14.81 6.57 16.58
CA VAL B 658 -15.69 5.39 16.50
C VAL B 658 -14.91 4.12 16.18
N ASP B 659 -13.89 4.23 15.32
CA ASP B 659 -13.09 3.08 14.92
C ASP B 659 -12.08 2.63 15.99
N THR B 660 -11.77 3.50 16.94
CA THR B 660 -10.72 3.23 17.92
C THR B 660 -11.20 2.38 19.09
N ARG B 661 -10.58 1.20 19.24
CA ARG B 661 -10.70 0.35 20.44
C ARG B 661 -9.30 -0.05 20.86
N ARG B 662 -9.09 -0.23 22.17
CA ARG B 662 -7.79 -0.66 22.68
C ARG B 662 -7.86 -1.23 24.10
N LYS B 663 -8.81 -2.14 24.31
CA LYS B 663 -8.88 -2.94 25.53
C LYS B 663 -8.60 -4.43 25.26
N TYR B 664 -8.52 -4.81 23.98
CA TYR B 664 -8.31 -6.20 23.61
C TYR B 664 -6.92 -6.68 24.03
N ARG B 665 -6.88 -7.91 24.53
CA ARG B 665 -5.69 -8.45 25.16
C ARG B 665 -5.88 -9.96 25.35
N THR B 666 -4.86 -10.74 25.00
CA THR B 666 -4.90 -12.18 25.21
C THR B 666 -4.58 -12.52 26.65
N ARG B 667 -4.92 -13.74 27.06
CA ARG B 667 -4.50 -14.24 28.36
C ARG B 667 -3.00 -14.50 28.32
N THR B 668 -2.32 -14.13 29.38
CA THR B 668 -0.87 -14.34 29.48
C THR B 668 -0.59 -15.83 29.33
N SER B 669 0.37 -16.16 28.46
CA SER B 669 0.70 -17.54 28.13
C SER B 669 1.16 -18.33 29.37
N GLN B 670 1.30 -19.64 29.18
CA GLN B 670 1.38 -20.58 30.29
C GLN B 670 2.75 -20.61 30.99
N GLY B 671 3.70 -19.81 30.51
CA GLY B 671 5.09 -19.91 30.93
C GLY B 671 5.99 -20.26 29.74
N ASN B 672 5.37 -20.75 28.67
CA ASN B 672 6.06 -21.07 27.42
C ASN B 672 6.35 -19.81 26.62
N SER B 673 7.59 -19.68 26.13
CA SER B 673 7.98 -18.59 25.24
C SER B 673 8.55 -19.06 23.87
N PHE B 674 8.87 -20.36 23.75
CA PHE B 674 9.29 -20.90 22.45
C PHE B 674 8.13 -20.98 21.48
N ASN B 675 7.06 -21.65 21.88
CA ASN B 675 5.89 -21.82 21.02
C ASN B 675 4.57 -21.80 21.78
N PRO B 676 4.25 -20.66 22.42
CA PRO B 676 2.99 -20.56 23.13
C PRO B 676 1.80 -20.53 22.17
N VAL B 677 0.73 -21.23 22.53
CA VAL B 677 -0.51 -21.24 21.75
C VAL B 677 -1.61 -20.65 22.60
N TRP B 678 -2.44 -19.81 21.99
CA TRP B 678 -3.59 -19.23 22.69
C TRP B 678 -4.87 -19.87 22.17
N ASP B 679 -5.64 -20.45 23.10
CA ASP B 679 -6.98 -20.95 22.80
C ASP B 679 -7.95 -19.81 23.10
N GLU B 680 -7.96 -18.81 22.22
CA GLU B 680 -8.61 -17.53 22.47
C GLU B 680 -9.75 -17.26 21.51
N GLU B 681 -10.77 -16.57 22.01
CA GLU B 681 -11.86 -16.09 21.18
C GLU B 681 -11.33 -14.95 20.30
N PRO B 682 -11.95 -14.74 19.12
CA PRO B 682 -11.46 -13.69 18.22
C PRO B 682 -11.78 -12.27 18.71
N PHE B 683 -10.93 -11.32 18.36
CA PHE B 683 -11.13 -9.92 18.67
C PHE B 683 -11.81 -9.22 17.49
N ASP B 684 -13.08 -8.86 17.67
CA ASP B 684 -13.87 -8.28 16.59
C ASP B 684 -13.84 -6.75 16.59
N PHE B 685 -13.77 -6.19 15.39
CA PHE B 685 -13.94 -4.77 15.16
C PHE B 685 -15.03 -4.69 14.09
N PRO B 686 -16.31 -4.81 14.50
CA PRO B 686 -17.38 -5.13 13.55
C PRO B 686 -17.74 -4.02 12.56
N LYS B 687 -17.37 -2.78 12.88
CA LYS B 687 -17.73 -1.63 12.05
C LYS B 687 -16.58 -0.62 12.01
N VAL B 688 -15.80 -0.67 10.93
CA VAL B 688 -14.76 0.31 10.67
C VAL B 688 -15.33 1.32 9.69
N VAL B 689 -15.76 2.47 10.20
CA VAL B 689 -16.46 3.48 9.39
C VAL B 689 -15.56 4.02 8.28
N LEU B 690 -14.34 4.40 8.64
CA LEU B 690 -13.37 4.92 7.67
C LEU B 690 -12.09 4.09 7.72
N PRO B 691 -12.06 2.97 6.98
CA PRO B 691 -10.96 2.01 7.07
C PRO B 691 -9.64 2.50 6.50
N THR B 692 -9.69 3.38 5.50
CA THR B 692 -8.49 3.94 4.90
C THR B 692 -7.71 4.85 5.85
N LEU B 693 -8.30 5.18 7.00
CA LEU B 693 -7.63 5.92 8.07
C LEU B 693 -7.28 5.03 9.27
N ALA B 694 -7.65 3.75 9.20
CA ALA B 694 -7.59 2.84 10.34
C ALA B 694 -6.34 1.97 10.31
N SER B 695 -5.57 1.99 11.39
CA SER B 695 -4.37 1.17 11.52
C SER B 695 -4.52 0.19 12.68
N LEU B 696 -4.29 -1.08 12.41
CA LEU B 696 -4.32 -2.13 13.42
C LEU B 696 -2.95 -2.26 14.04
N ARG B 697 -2.87 -2.21 15.38
CA ARG B 697 -1.62 -2.42 16.10
C ARG B 697 -1.64 -3.75 16.83
N ILE B 698 -0.72 -4.64 16.47
CA ILE B 698 -0.51 -5.89 17.20
C ILE B 698 0.80 -5.76 17.97
N ALA B 699 0.76 -5.98 19.28
CA ALA B 699 1.93 -5.79 20.15
C ALA B 699 2.05 -6.85 21.23
N ALA B 700 3.20 -7.52 21.26
CA ALA B 700 3.47 -8.60 22.23
C ALA B 700 4.24 -8.06 23.44
N PHE B 701 3.92 -8.60 24.62
CA PHE B 701 4.56 -8.20 25.87
C PHE B 701 4.82 -9.41 26.76
N GLU B 702 5.90 -9.37 27.52
CA GLU B 702 6.17 -10.37 28.55
C GLU B 702 5.27 -10.09 29.76
N GLU B 703 5.07 -11.10 30.59
CA GLU B 703 4.36 -10.93 31.86
C GLU B 703 5.19 -10.01 32.74
N GLY B 704 4.59 -8.89 33.16
CA GLY B 704 5.31 -7.85 33.86
C GLY B 704 5.25 -6.55 33.09
N GLY B 705 5.11 -6.64 31.77
CA GLY B 705 4.90 -5.48 30.91
C GLY B 705 6.02 -5.18 29.92
N LYS B 706 7.13 -5.92 30.00
CA LYS B 706 8.26 -5.67 29.10
C LYS B 706 7.86 -5.85 27.65
N PHE B 707 8.28 -4.89 26.81
CA PHE B 707 7.96 -4.90 25.39
C PHE B 707 8.79 -5.96 24.66
N VAL B 708 8.13 -6.75 23.84
CA VAL B 708 8.78 -7.76 23.01
C VAL B 708 8.91 -7.24 21.60
N GLY B 709 7.78 -6.94 20.98
CA GLY B 709 7.74 -6.46 19.60
C GLY B 709 6.33 -6.09 19.19
N HIS B 710 6.19 -5.43 18.03
CA HIS B 710 4.89 -4.99 17.56
C HIS B 710 4.83 -4.85 16.04
N ARG B 711 3.66 -4.48 15.53
CA ARG B 711 3.45 -4.26 14.11
C ARG B 711 2.25 -3.35 13.87
N ILE B 712 2.41 -2.36 12.99
CA ILE B 712 1.32 -1.48 12.57
C ILE B 712 0.91 -1.88 11.17
N LEU B 713 -0.38 -2.18 10.99
CA LEU B 713 -0.92 -2.64 9.72
C LEU B 713 -2.13 -1.80 9.33
N PRO B 714 -2.14 -1.29 8.08
CA PRO B 714 -3.28 -0.52 7.63
C PRO B 714 -4.47 -1.43 7.36
N VAL B 715 -5.61 -1.10 7.95
CA VAL B 715 -6.80 -1.96 7.89
C VAL B 715 -7.25 -2.19 6.45
N SER B 716 -7.16 -1.16 5.61
CA SER B 716 -7.59 -1.26 4.21
C SER B 716 -6.75 -2.23 3.37
N ALA B 717 -5.51 -2.51 3.79
CA ALA B 717 -4.61 -3.38 3.02
C ALA B 717 -4.40 -4.77 3.63
N ILE B 718 -4.83 -4.97 4.88
CA ILE B 718 -4.56 -6.23 5.59
C ILE B 718 -5.28 -7.41 4.92
N ARG B 719 -4.60 -8.56 4.86
CA ARG B 719 -5.16 -9.75 4.20
C ARG B 719 -5.90 -10.65 5.18
N SER B 720 -6.81 -11.45 4.63
CA SER B 720 -7.55 -12.42 5.43
C SER B 720 -6.83 -13.75 5.41
N GLY B 721 -7.15 -14.61 6.38
CA GLY B 721 -6.58 -15.95 6.49
C GLY B 721 -5.50 -16.06 7.54
N TYR B 722 -4.81 -17.20 7.54
CA TYR B 722 -3.72 -17.46 8.47
C TYR B 722 -2.40 -16.87 7.95
N HIS B 723 -1.84 -15.94 8.72
CA HIS B 723 -0.59 -15.28 8.32
C HIS B 723 0.35 -15.11 9.51
N TYR B 724 1.65 -15.16 9.25
CA TYR B 724 2.64 -14.80 10.24
C TYR B 724 2.78 -13.29 10.27
N VAL B 725 2.89 -12.74 11.48
CA VAL B 725 3.21 -11.34 11.66
C VAL B 725 4.59 -11.26 12.29
N CYS B 726 5.60 -11.04 11.46
CA CYS B 726 6.97 -10.85 11.93
C CYS B 726 7.02 -9.53 12.67
N LEU B 727 7.49 -9.57 13.90
CA LEU B 727 7.41 -8.43 14.80
C LEU B 727 8.56 -7.45 14.58
N ARG B 728 8.34 -6.22 15.00
CA ARG B 728 9.32 -5.15 14.90
C ARG B 728 9.57 -4.55 16.27
N ASN B 729 10.68 -3.83 16.40
CA ASN B 729 10.99 -3.13 17.66
C ASN B 729 10.24 -1.79 17.70
N GLU B 730 10.45 -1.03 18.77
CA GLU B 730 9.79 0.27 18.94
C GLU B 730 10.04 1.23 17.75
N ALA B 731 11.23 1.15 17.15
CA ALA B 731 11.60 2.01 16.02
C ALA B 731 11.26 1.41 14.66
N ASN B 732 10.51 0.31 14.65
CA ASN B 732 10.01 -0.31 13.42
C ASN B 732 11.07 -1.07 12.61
N GLN B 733 12.18 -1.43 13.25
CA GLN B 733 13.17 -2.32 12.65
C GLN B 733 12.69 -3.75 12.85
N PRO B 734 12.91 -4.62 11.84
CA PRO B 734 12.37 -5.97 11.94
C PRO B 734 13.19 -6.84 12.89
N LEU B 735 12.53 -7.42 13.89
CA LEU B 735 13.14 -8.43 14.74
C LEU B 735 13.16 -9.75 13.96
N CYS B 736 14.19 -10.55 14.20
CA CYS B 736 14.41 -11.76 13.39
C CYS B 736 13.56 -12.93 13.86
N LEU B 737 13.72 -13.33 15.12
CA LEU B 737 13.08 -14.54 15.64
C LEU B 737 11.62 -14.38 16.10
N PRO B 738 11.32 -13.34 16.91
CA PRO B 738 9.94 -13.18 17.38
C PRO B 738 8.93 -13.04 16.23
N ALA B 739 7.84 -13.80 16.31
CA ALA B 739 6.78 -13.74 15.30
C ALA B 739 5.50 -14.36 15.84
N LEU B 740 4.36 -13.92 15.31
CA LEU B 740 3.06 -14.43 15.71
C LEU B 740 2.35 -15.04 14.52
N LEU B 741 1.54 -16.07 14.77
CA LEU B 741 0.60 -16.59 13.79
C LEU B 741 -0.78 -16.03 14.13
N ILE B 742 -1.42 -15.39 13.16
CA ILE B 742 -2.74 -14.83 13.38
C ILE B 742 -3.68 -15.18 12.24
N TYR B 743 -4.96 -15.39 12.59
CA TYR B 743 -6.02 -15.58 11.60
C TYR B 743 -6.80 -14.27 11.51
N THR B 744 -7.05 -13.80 10.29
CA THR B 744 -7.80 -12.57 10.08
C THR B 744 -8.91 -12.69 9.06
N GLU B 745 -9.97 -11.91 9.26
CA GLU B 745 -11.02 -11.71 8.27
C GLU B 745 -11.28 -10.21 8.17
N ALA B 746 -10.82 -9.60 7.08
CA ALA B 746 -11.11 -8.20 6.78
C ALA B 746 -12.07 -8.15 5.60
N SER B 747 -13.34 -7.84 5.87
CA SER B 747 -14.38 -7.83 4.84
C SER B 747 -15.02 -6.45 4.70
N ASP B 748 -15.79 -6.27 3.64
CA ASP B 748 -16.64 -5.10 3.49
C ASP B 748 -17.83 -5.22 4.43
N TYR B 749 -18.22 -4.10 5.04
CA TYR B 749 -19.20 -4.10 6.13
C TYR B 749 -20.64 -4.30 5.64
N ILE B 750 -21.40 -5.10 6.39
CA ILE B 750 -22.81 -5.34 6.13
C ILE B 750 -23.58 -5.24 7.46
N PRO B 751 -24.55 -4.32 7.55
CA PRO B 751 -25.39 -4.27 8.75
C PRO B 751 -26.25 -5.53 8.93
N ASP B 752 -26.71 -5.77 10.16
CA ASP B 752 -27.48 -6.98 10.48
C ASP B 752 -28.75 -7.06 9.64
N ASP B 753 -29.65 -6.11 9.85
CA ASP B 753 -30.93 -6.07 9.15
C ASP B 753 -30.82 -6.17 7.61
N HIS B 754 -29.75 -5.61 7.04
CA HIS B 754 -29.60 -5.54 5.59
C HIS B 754 -28.68 -6.63 4.99
N GLN B 755 -28.60 -7.78 5.66
CA GLN B 755 -27.71 -8.87 5.23
C GLN B 755 -28.32 -9.73 4.11
N ASP B 756 -29.60 -10.03 4.20
CA ASP B 756 -30.30 -10.81 3.17
C ASP B 756 -30.30 -10.12 1.81
N TYR B 757 -30.32 -8.79 1.81
CA TYR B 757 -30.24 -8.00 0.59
C TYR B 757 -28.86 -8.13 -0.06
N ALA B 758 -27.81 -8.11 0.75
CA ALA B 758 -26.45 -8.20 0.25
C ALA B 758 -26.20 -9.52 -0.47
N GLU B 759 -26.60 -10.63 0.15
CA GLU B 759 -26.43 -11.96 -0.43
C GLU B 759 -27.07 -12.06 -1.82
N ALA B 760 -28.21 -11.39 -1.99
CA ALA B 760 -28.92 -11.41 -3.26
C ALA B 760 -28.19 -10.61 -4.35
N LEU B 761 -27.55 -9.50 -3.97
CA LEU B 761 -26.76 -8.73 -4.95
C LEU B 761 -25.53 -9.53 -5.40
N ILE B 762 -24.86 -10.16 -4.45
CA ILE B 762 -23.67 -10.97 -4.73
C ILE B 762 -24.00 -12.17 -5.61
N ASN B 763 -25.15 -12.80 -5.36
CA ASN B 763 -25.56 -13.98 -6.11
C ASN B 763 -27.07 -13.97 -6.41
N PRO B 764 -27.48 -13.15 -7.38
CA PRO B 764 -28.91 -12.94 -7.65
C PRO B 764 -29.61 -14.09 -8.36
N ILE B 765 -28.85 -14.88 -9.12
CA ILE B 765 -29.43 -16.02 -9.84
C ILE B 765 -30.09 -17.00 -8.87
N LYS B 766 -29.39 -17.35 -7.81
CA LYS B 766 -29.92 -18.29 -6.81
C LYS B 766 -31.27 -17.83 -6.25
N HIS B 767 -31.34 -16.54 -5.92
CA HIS B 767 -32.55 -15.97 -5.35
C HIS B 767 -33.69 -15.85 -6.37
N VAL B 768 -33.42 -15.19 -7.49
CA VAL B 768 -34.42 -15.03 -8.56
C VAL B 768 -34.86 -16.38 -9.13
N SER B 769 -33.93 -17.34 -9.18
CA SER B 769 -34.24 -18.70 -9.61
C SER B 769 -35.24 -19.37 -8.66
N LEU B 770 -35.07 -19.16 -7.36
CA LEU B 770 -35.98 -19.68 -6.36
C LEU B 770 -37.36 -19.06 -6.48
N MET B 771 -37.43 -17.74 -6.62
CA MET B 771 -38.71 -17.03 -6.76
C MET B 771 -39.46 -17.45 -8.03
N ASP B 772 -38.73 -17.58 -9.14
CA ASP B 772 -39.34 -18.00 -10.41
C ASP B 772 -39.85 -19.44 -10.36
N GLN B 773 -39.19 -20.28 -9.56
CA GLN B 773 -39.63 -21.66 -9.35
C GLN B 773 -40.94 -21.69 -8.54
N ARG B 774 -40.97 -20.90 -7.46
CA ARG B 774 -42.15 -20.81 -6.59
C ARG B 774 -43.37 -20.43 -7.42
N ALA B 775 -43.20 -19.42 -8.26
CA ALA B 775 -44.26 -18.96 -9.16
C ALA B 775 -44.65 -20.04 -10.17
N ARG B 776 -43.66 -20.74 -10.72
CA ARG B 776 -43.91 -21.81 -11.68
C ARG B 776 -44.67 -22.97 -11.04
N GLN B 777 -44.40 -23.23 -9.76
CA GLN B 777 -45.10 -24.26 -9.00
C GLN B 777 -46.56 -23.89 -8.70
N LEU B 778 -46.83 -22.60 -8.58
CA LEU B 778 -48.20 -22.09 -8.36
C LEU B 778 -49.01 -21.95 -9.65
N ALA B 779 -48.42 -22.30 -10.79
CA ALA B 779 -49.06 -22.13 -12.09
C ALA B 779 -50.42 -22.81 -12.19
N ALA B 780 -50.45 -24.11 -11.89
CA ALA B 780 -51.68 -24.90 -11.97
C ALA B 780 -52.71 -24.43 -10.94
N LEU B 781 -52.26 -24.16 -9.74
CA LEU B 781 -53.14 -23.81 -8.61
C LEU B 781 -53.82 -22.45 -8.82
N ILE B 782 -53.12 -21.52 -9.47
CA ILE B 782 -53.71 -20.22 -9.81
C ILE B 782 -54.70 -20.34 -10.96
N GLY B 783 -54.33 -21.12 -11.98
CA GLY B 783 -55.24 -21.45 -13.08
C GLY B 783 -55.57 -20.27 -13.99
N GLU B 784 -56.88 -20.02 -14.14
CA GLU B 784 -57.39 -18.93 -14.98
C GLU B 784 -56.88 -19.00 -16.43
PB GDP C . -18.12 -1.29 -16.57
O1B GDP C . -19.60 -1.61 -16.63
O2B GDP C . -17.82 0.12 -16.13
O3B GDP C . -17.29 -2.35 -15.90
O3A GDP C . -17.70 -1.35 -18.13
PA GDP C . -16.80 -0.24 -18.87
O1A GDP C . -17.54 1.07 -18.90
O2A GDP C . -15.41 -0.28 -18.29
O5' GDP C . -16.77 -0.79 -20.38
C5' GDP C . -16.31 -2.11 -20.68
C4' GDP C . -15.65 -2.17 -22.06
O4' GDP C . -16.64 -2.23 -23.08
C3' GDP C . -14.80 -0.94 -22.36
O3' GDP C . -13.63 -1.34 -23.09
C2' GDP C . -15.68 -0.07 -23.21
O2' GDP C . -14.94 0.73 -24.13
C1' GDP C . -16.57 -1.08 -23.93
N9 GDP C . -17.94 -0.58 -24.18
C8 GDP C . -18.77 0.01 -23.30
N7 GDP C . -19.95 0.32 -23.88
C5 GDP C . -19.89 -0.08 -25.16
C6 GDP C . -20.80 -0.05 -26.32
O6 GDP C . -21.94 0.44 -26.22
N1 GDP C . -20.35 -0.56 -27.49
C2 GDP C . -19.12 -1.09 -27.61
N2 GDP C . -18.74 -1.59 -28.81
N3 GDP C . -18.24 -1.15 -26.58
C4 GDP C . -18.56 -0.67 -25.36
AL ALF D . -16.70 -2.77 -14.20
F1 ALF D . -15.06 -2.37 -14.81
F2 ALF D . -18.36 -3.17 -13.65
F3 ALF D . -16.95 -1.06 -13.70
F4 ALF D . -16.41 -4.50 -14.61
MG MG E . -15.84 0.27 -15.23
CA CA F . 10.96 24.84 18.84
#